data_7K1O
#
_entry.id   7K1O
#
_cell.length_a   87.460
_cell.length_b   151.321
_cell.length_c   197.518
_cell.angle_alpha   90.000
_cell.angle_beta   90.000
_cell.angle_gamma   90.000
#
_symmetry.space_group_name_H-M   'C 2 2 21'
#
loop_
_entity.id
_entity.type
_entity.pdbx_description
1 polymer 'Uridylate-specific endoribonuclease'
2 non-polymer 1-(3,5-di-O-phosphono-alpha-L-xylofuranosyl)pyrimidine-2,4(1H,3H)-dione
3 non-polymer 1,2-ETHANEDIOL
4 water water
#
_entity_poly.entity_id   1
_entity_poly.type   'polypeptide(L)'
_entity_poly.pdbx_seq_one_letter_code
;MHHHHHHSSGVDLGTENLYFQSNMSLENVAFNVVNKGHFDGQQGEVPVSIINNTVYTKVDGVDVELFENKTTLPVNVAFE
LWAKRNIKPVPEVKILNNLGVDIAANTVIWDYKRDAPAHISTIGVCSMTDIAKKPTETICAPLTVFFDGRVDGQVDLFRN
ARNGVLITEGSVKGLQPSVGPKQASLNGVTLIGEAVKTQFNYYKKVDGVVQQLPETYFTQSRNLQEFKPRSQMEIDFLEL
AMDEFIERYKLEGYAFEHIVYGDFSHSQLGGLHLLIGLAKRFKESPFELEDFIPMDSTVKNYFITDAQTGSSKCVCSVID
LLLDDFVEIIKSQDLSVVSKVVKVTIDYTEISFMLWCKDGHVETFYPKLQ
;
_entity_poly.pdbx_strand_id   A,B,C
#
loop_
_chem_comp.id
_chem_comp.type
_chem_comp.name
_chem_comp.formula
EDO non-polymer 1,2-ETHANEDIOL 'C2 H6 O2'
VQV non-polymer 1-(3,5-di-O-phosphono-alpha-L-xylofuranosyl)pyrimidine-2,4(1H,3H)-dione 'C9 H14 N2 O12 P2'
#
# COMPACT_ATOMS: atom_id res chain seq x y z
N MET A 24 -4.51 -17.84 1.43
CA MET A 24 -4.48 -16.47 0.91
C MET A 24 -3.89 -15.52 1.95
N SER A 25 -2.58 -15.26 1.84
CA SER A 25 -1.84 -14.61 2.91
C SER A 25 -0.89 -13.56 2.34
N LEU A 26 -0.29 -12.80 3.27
CA LEU A 26 0.74 -11.84 2.90
C LEU A 26 1.98 -12.55 2.34
N GLU A 27 2.37 -13.66 2.97
CA GLU A 27 3.52 -14.41 2.48
C GLU A 27 3.26 -15.02 1.11
N ASN A 28 1.99 -15.35 0.81
CA ASN A 28 1.65 -15.89 -0.50
C ASN A 28 1.62 -14.80 -1.56
N VAL A 29 1.15 -13.61 -1.19
CA VAL A 29 1.16 -12.49 -2.13
C VAL A 29 2.58 -12.11 -2.49
N ALA A 30 3.50 -12.12 -1.52
CA ALA A 30 4.88 -11.80 -1.82
C ALA A 30 5.52 -12.87 -2.69
N PHE A 31 5.13 -14.13 -2.51
CA PHE A 31 5.66 -15.18 -3.39
C PHE A 31 5.29 -14.91 -4.84
N ASN A 32 4.06 -14.48 -5.09
CA ASN A 32 3.64 -14.21 -6.46
C ASN A 32 4.38 -13.03 -7.06
N VAL A 33 4.60 -11.98 -6.26
CA VAL A 33 5.30 -10.80 -6.77
C VAL A 33 6.73 -11.16 -7.16
N VAL A 34 7.38 -12.03 -6.38
CA VAL A 34 8.77 -12.37 -6.64
C VAL A 34 8.89 -13.25 -7.87
N ASN A 35 8.08 -14.31 -7.94
CA ASN A 35 8.19 -15.30 -9.01
C ASN A 35 7.40 -14.94 -10.26
N LYS A 36 6.38 -14.08 -10.15
CA LYS A 36 5.53 -13.80 -11.31
C LYS A 36 5.34 -12.32 -11.60
N GLY A 37 6.01 -11.42 -10.87
CA GLY A 37 5.86 -9.99 -11.11
C GLY A 37 4.60 -9.36 -10.58
N HIS A 38 3.58 -10.17 -10.24
CA HIS A 38 2.33 -9.69 -9.67
C HIS A 38 1.62 -10.91 -9.09
N PHE A 39 0.44 -10.67 -8.51
CA PHE A 39 -0.34 -11.80 -8.00
C PHE A 39 -0.93 -12.59 -9.16
N ASP A 40 -0.57 -13.87 -9.25
CA ASP A 40 -1.00 -14.75 -10.34
C ASP A 40 -1.72 -15.99 -9.82
N GLY A 41 -2.09 -16.03 -8.55
CA GLY A 41 -2.75 -17.18 -7.98
C GLY A 41 -1.87 -18.38 -7.73
N GLN A 42 -0.58 -18.29 -7.98
CA GLN A 42 0.33 -19.38 -7.69
C GLN A 42 0.56 -19.48 -6.18
N GLN A 43 0.47 -20.68 -5.63
CA GLN A 43 0.68 -20.84 -4.21
C GLN A 43 2.15 -21.08 -3.90
N GLY A 44 2.50 -20.84 -2.63
CA GLY A 44 3.89 -20.81 -2.20
C GLY A 44 4.07 -19.59 -1.33
N GLU A 45 5.13 -19.54 -0.52
CA GLU A 45 5.30 -18.47 0.45
C GLU A 45 6.76 -18.11 0.60
N VAL A 46 7.03 -16.82 0.86
CA VAL A 46 8.40 -16.34 1.09
C VAL A 46 8.41 -15.53 2.38
N PRO A 47 9.56 -15.43 3.07
CA PRO A 47 9.58 -14.66 4.32
C PRO A 47 9.47 -13.17 4.03
N VAL A 48 8.74 -12.47 4.89
CA VAL A 48 8.44 -11.06 4.68
C VAL A 48 8.76 -10.29 5.96
N SER A 49 9.42 -9.16 5.81
CA SER A 49 9.65 -8.21 6.89
C SER A 49 8.92 -6.91 6.56
N ILE A 50 8.16 -6.39 7.51
CA ILE A 50 7.43 -5.16 7.32
C ILE A 50 8.01 -4.13 8.29
N ILE A 51 8.68 -3.12 7.73
CA ILE A 51 9.30 -2.05 8.51
C ILE A 51 8.93 -0.73 7.87
N ASN A 52 8.51 0.23 8.70
CA ASN A 52 8.02 1.52 8.23
C ASN A 52 6.85 1.23 7.28
N ASN A 53 6.86 1.74 6.05
CA ASN A 53 5.82 1.49 5.07
C ASN A 53 6.30 0.58 3.94
N THR A 54 7.33 -0.22 4.20
CA THR A 54 8.00 -0.98 3.16
C THR A 54 7.89 -2.47 3.44
N VAL A 55 7.64 -3.25 2.38
CA VAL A 55 7.60 -4.70 2.44
C VAL A 55 8.93 -5.22 1.94
N TYR A 56 9.54 -6.12 2.71
CA TYR A 56 10.83 -6.72 2.37
C TYR A 56 10.70 -8.23 2.29
N THR A 57 11.69 -8.85 1.67
CA THR A 57 11.82 -10.31 1.69
C THR A 57 13.30 -10.66 1.63
N LYS A 58 13.67 -11.75 2.28
CA LYS A 58 15.05 -12.19 2.26
C LYS A 58 15.33 -12.88 0.93
N VAL A 59 16.35 -12.41 0.21
CA VAL A 59 16.84 -13.08 -1.00
C VAL A 59 18.35 -13.21 -0.88
N ASP A 60 18.83 -14.45 -0.81
CA ASP A 60 20.26 -14.75 -0.60
C ASP A 60 20.80 -14.09 0.66
N GLY A 61 20.03 -14.18 1.76
CA GLY A 61 20.51 -13.74 3.06
C GLY A 61 20.26 -12.28 3.40
N VAL A 62 19.97 -11.43 2.42
CA VAL A 62 19.81 -10.00 2.67
C VAL A 62 18.40 -9.58 2.27
N ASP A 63 17.96 -8.47 2.84
CA ASP A 63 16.62 -7.97 2.57
C ASP A 63 16.58 -7.18 1.27
N VAL A 64 15.46 -7.31 0.56
CA VAL A 64 15.25 -6.64 -0.72
C VAL A 64 13.85 -6.04 -0.72
N GLU A 65 13.75 -4.76 -1.08
CA GLU A 65 12.47 -4.06 -1.08
C GLU A 65 11.57 -4.58 -2.20
N LEU A 66 10.35 -4.98 -1.84
CA LEU A 66 9.37 -5.37 -2.84
C LEU A 66 8.32 -4.30 -3.11
N PHE A 67 8.11 -3.39 -2.16
CA PHE A 67 7.00 -2.45 -2.28
C PHE A 67 7.15 -1.39 -1.21
N GLU A 68 6.92 -0.13 -1.59
CA GLU A 68 6.87 0.98 -0.66
C GLU A 68 5.46 1.56 -0.70
N ASN A 69 4.82 1.62 0.45
CA ASN A 69 3.46 2.11 0.54
C ASN A 69 3.47 3.64 0.48
N LYS A 70 2.84 4.20 -0.56
CA LYS A 70 2.62 5.64 -0.64
C LYS A 70 1.13 5.97 -0.63
N THR A 71 0.29 5.03 -0.19
CA THR A 71 -1.14 5.21 -0.02
C THR A 71 -1.46 5.55 1.44
N THR A 72 -2.72 5.89 1.68
CA THR A 72 -3.23 6.12 3.03
C THR A 72 -3.81 4.85 3.68
N LEU A 73 -3.59 3.69 3.08
CA LEU A 73 -3.98 2.36 3.54
C LEU A 73 -2.86 1.74 4.37
N PRO A 74 -3.18 0.73 5.18
CA PRO A 74 -2.11 -0.03 5.85
C PRO A 74 -1.17 -0.69 4.84
N VAL A 75 0.12 -0.72 5.21
CA VAL A 75 1.16 -1.17 4.29
C VAL A 75 0.82 -2.54 3.71
N ASN A 76 0.42 -3.49 4.57
CA ASN A 76 0.17 -4.86 4.10
C ASN A 76 -1.07 -4.93 3.22
N VAL A 77 -1.99 -3.98 3.37
CA VAL A 77 -3.21 -3.98 2.56
C VAL A 77 -2.94 -3.34 1.20
N ALA A 78 -2.30 -2.18 1.19
CA ALA A 78 -1.91 -1.56 -0.07
C ALA A 78 -1.03 -2.49 -0.89
N PHE A 79 -0.13 -3.22 -0.22
CA PHE A 79 0.73 -4.17 -0.93
C PHE A 79 -0.09 -5.22 -1.66
N GLU A 80 -1.12 -5.76 -1.03
CA GLU A 80 -1.92 -6.81 -1.67
C GLU A 80 -2.76 -6.25 -2.80
N LEU A 81 -3.29 -5.04 -2.64
CA LEU A 81 -4.03 -4.41 -3.74
C LEU A 81 -3.11 -4.15 -4.93
N TRP A 82 -1.88 -3.71 -4.68
CA TRP A 82 -0.96 -3.42 -5.78
C TRP A 82 -0.59 -4.71 -6.53
N ALA A 83 -0.39 -5.80 -5.79
CA ALA A 83 -0.07 -7.06 -6.45
C ALA A 83 -1.23 -7.57 -7.30
N LYS A 84 -2.46 -7.27 -6.90
CA LYS A 84 -3.65 -7.71 -7.61
C LYS A 84 -4.18 -6.65 -8.57
N ARG A 85 -3.34 -5.70 -8.96
CA ARG A 85 -3.74 -4.70 -9.93
C ARG A 85 -4.03 -5.37 -11.27
N ASN A 86 -4.97 -4.77 -12.00
CA ASN A 86 -5.27 -5.25 -13.34
C ASN A 86 -4.10 -4.92 -14.27
N ILE A 87 -3.47 -5.96 -14.82
CA ILE A 87 -2.31 -5.77 -15.70
C ILE A 87 -2.71 -5.83 -17.17
N LYS A 88 -3.98 -5.80 -17.47
CA LYS A 88 -4.46 -5.64 -18.83
C LYS A 88 -4.71 -4.17 -19.11
N PRO A 89 -4.81 -3.78 -20.39
CA PRO A 89 -5.19 -2.40 -20.71
C PRO A 89 -6.54 -2.06 -20.10
N VAL A 90 -6.57 -1.00 -19.30
CA VAL A 90 -7.80 -0.56 -18.63
C VAL A 90 -7.98 0.92 -18.91
N PRO A 91 -9.21 1.43 -18.79
CA PRO A 91 -9.44 2.86 -18.98
C PRO A 91 -8.61 3.68 -18.00
N GLU A 92 -8.15 4.84 -18.49
CA GLU A 92 -7.47 5.77 -17.60
C GLU A 92 -8.41 6.18 -16.46
N VAL A 93 -7.81 6.60 -15.34
CA VAL A 93 -8.60 6.85 -14.13
C VAL A 93 -9.57 7.99 -14.35
N LYS A 94 -9.15 9.01 -15.12
CA LYS A 94 -10.00 10.18 -15.34
C LYS A 94 -11.27 9.83 -16.10
N ILE A 95 -11.19 8.85 -17.02
CA ILE A 95 -12.41 8.37 -17.68
C ILE A 95 -13.33 7.71 -16.66
N LEU A 96 -12.77 6.87 -15.79
CA LEU A 96 -13.60 6.19 -14.80
C LEU A 96 -14.22 7.18 -13.82
N ASN A 97 -13.47 8.21 -13.42
CA ASN A 97 -14.01 9.20 -12.52
C ASN A 97 -15.10 10.04 -13.19
N ASN A 98 -14.87 10.46 -14.44
CA ASN A 98 -15.88 11.25 -15.14
C ASN A 98 -17.18 10.47 -15.32
N LEU A 99 -17.08 9.16 -15.53
CA LEU A 99 -18.27 8.32 -15.62
C LEU A 99 -18.85 7.98 -14.26
N GLY A 100 -18.30 8.51 -13.18
CA GLY A 100 -18.89 8.34 -11.85
C GLY A 100 -18.65 7.00 -11.21
N VAL A 101 -17.61 6.27 -11.64
CA VAL A 101 -17.34 4.94 -11.11
C VAL A 101 -16.92 5.05 -9.65
N ASP A 102 -17.55 4.24 -8.79
CA ASP A 102 -17.22 4.19 -7.37
C ASP A 102 -16.31 3.02 -7.02
N ILE A 103 -16.43 1.89 -7.72
CA ILE A 103 -15.73 0.67 -7.35
C ILE A 103 -15.69 -0.24 -8.56
N ALA A 104 -14.65 -1.06 -8.64
CA ALA A 104 -14.50 -2.07 -9.68
C ALA A 104 -14.99 -3.42 -9.20
N ALA A 105 -15.38 -4.27 -10.15
CA ALA A 105 -15.90 -5.60 -9.85
C ALA A 105 -14.79 -6.63 -10.09
N ASN A 106 -14.29 -7.22 -9.00
CA ASN A 106 -13.38 -8.37 -9.05
C ASN A 106 -12.03 -8.03 -9.64
N THR A 107 -11.59 -6.79 -9.54
CA THR A 107 -10.24 -6.42 -9.92
C THR A 107 -9.90 -5.13 -9.21
N VAL A 108 -8.65 -4.70 -9.36
CA VAL A 108 -8.16 -3.44 -8.81
C VAL A 108 -7.61 -2.61 -9.94
N ILE A 109 -8.10 -1.37 -10.05
CA ILE A 109 -7.53 -0.40 -10.98
C ILE A 109 -6.48 0.40 -10.22
N TRP A 110 -5.21 0.19 -10.54
CA TRP A 110 -4.16 0.93 -9.87
C TRP A 110 -4.04 2.32 -10.50
N ASP A 111 -4.12 3.36 -9.67
CA ASP A 111 -3.97 4.74 -10.09
C ASP A 111 -2.48 5.09 -10.00
N TYR A 112 -1.79 4.98 -11.14
CA TYR A 112 -0.36 5.23 -11.18
C TYR A 112 -0.01 6.70 -11.00
N LYS A 113 -0.95 7.61 -11.24
CA LYS A 113 -0.67 9.01 -10.96
C LYS A 113 -0.45 9.24 -9.47
N ARG A 114 -1.26 8.61 -8.62
CA ARG A 114 -1.16 8.76 -7.18
C ARG A 114 -0.46 7.60 -6.49
N ASP A 115 -0.03 6.57 -7.24
CA ASP A 115 0.59 5.36 -6.69
C ASP A 115 -0.26 4.77 -5.57
N ALA A 116 -1.54 4.55 -5.87
CA ALA A 116 -2.54 4.17 -4.89
C ALA A 116 -3.69 3.51 -5.63
N PRO A 117 -4.53 2.75 -4.92
CA PRO A 117 -5.73 2.20 -5.55
C PRO A 117 -6.66 3.30 -6.02
N ALA A 118 -7.35 3.05 -7.15
CA ALA A 118 -8.26 4.03 -7.70
C ALA A 118 -9.49 4.26 -6.82
N HIS A 119 -9.93 3.23 -6.10
CA HIS A 119 -11.15 3.32 -5.32
C HIS A 119 -10.90 2.88 -3.89
N ILE A 120 -11.77 3.35 -2.98
CA ILE A 120 -11.61 3.03 -1.56
C ILE A 120 -11.74 1.53 -1.36
N SER A 121 -12.81 0.94 -1.87
CA SER A 121 -13.16 -0.44 -1.55
C SER A 121 -12.96 -1.33 -2.76
N THR A 122 -13.13 -2.63 -2.54
CA THR A 122 -12.99 -3.63 -3.58
C THR A 122 -14.17 -4.59 -3.51
N ILE A 123 -14.28 -5.42 -4.54
CA ILE A 123 -15.31 -6.44 -4.64
C ILE A 123 -14.62 -7.76 -4.91
N GLY A 124 -14.63 -8.66 -3.92
CA GLY A 124 -14.03 -9.97 -4.09
C GLY A 124 -12.58 -9.93 -4.51
N VAL A 125 -11.77 -9.15 -3.79
CA VAL A 125 -10.35 -9.05 -4.11
C VAL A 125 -9.54 -9.31 -2.85
N CYS A 126 -9.77 -8.50 -1.82
CA CYS A 126 -8.95 -8.49 -0.62
C CYS A 126 -9.87 -8.47 0.60
N SER A 127 -9.61 -9.36 1.57
CA SER A 127 -10.53 -9.49 2.69
C SER A 127 -10.61 -8.21 3.52
N MET A 128 -9.56 -7.38 3.49
CA MET A 128 -9.56 -6.17 4.30
C MET A 128 -10.34 -5.02 3.66
N THR A 129 -10.42 -4.98 2.33
CA THR A 129 -11.11 -3.90 1.64
C THR A 129 -12.44 -4.30 1.02
N ASP A 130 -12.76 -5.60 0.99
CA ASP A 130 -13.99 -6.07 0.37
C ASP A 130 -15.20 -5.58 1.15
N ILE A 131 -16.07 -4.81 0.48
CA ILE A 131 -17.42 -4.58 0.98
C ILE A 131 -18.38 -5.64 0.49
N ALA A 132 -17.93 -6.53 -0.39
CA ALA A 132 -18.72 -7.61 -0.94
C ALA A 132 -17.77 -8.58 -1.63
N LYS A 133 -18.26 -9.79 -1.88
CA LYS A 133 -17.50 -10.77 -2.65
C LYS A 133 -17.90 -10.82 -4.11
N LYS A 134 -19.17 -10.56 -4.42
CA LYS A 134 -19.68 -10.51 -5.78
C LYS A 134 -20.46 -9.23 -5.99
N PRO A 135 -20.44 -8.65 -7.20
CA PRO A 135 -21.16 -7.39 -7.42
C PRO A 135 -22.67 -7.52 -7.31
N THR A 136 -23.21 -8.73 -7.13
CA THR A 136 -24.65 -8.93 -7.00
C THR A 136 -25.18 -8.60 -5.61
N GLU A 137 -24.31 -8.27 -4.66
CA GLU A 137 -24.74 -8.05 -3.28
C GLU A 137 -25.36 -6.67 -3.11
N THR A 138 -26.13 -6.53 -2.03
CA THR A 138 -27.00 -5.36 -1.85
C THR A 138 -26.20 -4.07 -1.71
N ILE A 139 -25.04 -4.12 -1.05
CA ILE A 139 -24.28 -2.90 -0.83
C ILE A 139 -23.77 -2.32 -2.14
N CYS A 140 -23.72 -3.13 -3.21
CA CYS A 140 -23.20 -2.68 -4.49
C CYS A 140 -24.25 -2.03 -5.37
N ALA A 141 -25.53 -2.30 -5.13
CA ALA A 141 -26.58 -1.78 -6.00
C ALA A 141 -26.56 -0.26 -6.13
N PRO A 142 -26.45 0.53 -5.05
CA PRO A 142 -26.42 1.98 -5.24
C PRO A 142 -25.11 2.51 -5.82
N LEU A 143 -24.02 1.78 -5.70
CA LEU A 143 -22.73 2.25 -6.19
C LEU A 143 -22.58 1.95 -7.68
N THR A 144 -21.82 2.81 -8.36
CA THR A 144 -21.52 2.62 -9.78
C THR A 144 -20.35 1.66 -9.91
N VAL A 145 -20.61 0.46 -10.43
CA VAL A 145 -19.63 -0.63 -10.48
C VAL A 145 -19.08 -0.75 -11.89
N PHE A 146 -17.75 -0.79 -12.01
CA PHE A 146 -17.09 -0.97 -13.31
C PHE A 146 -17.01 -2.45 -13.64
N PHE A 147 -17.52 -2.83 -14.82
CA PHE A 147 -17.50 -4.20 -15.29
C PHE A 147 -16.64 -4.29 -16.55
N ASP A 148 -15.86 -5.37 -16.64
CA ASP A 148 -14.95 -5.62 -17.75
C ASP A 148 -15.52 -6.72 -18.62
N GLY A 149 -15.79 -6.40 -19.90
CA GLY A 149 -16.35 -7.37 -20.82
C GLY A 149 -15.40 -8.49 -21.21
N ARG A 150 -14.11 -8.32 -20.92
CA ARG A 150 -13.14 -9.38 -21.17
C ARG A 150 -13.20 -10.48 -20.11
N VAL A 151 -13.70 -10.18 -18.91
CA VAL A 151 -13.98 -11.19 -17.89
C VAL A 151 -15.32 -11.84 -18.18
N ASP A 152 -15.39 -13.16 -18.01
CA ASP A 152 -16.56 -13.94 -18.40
C ASP A 152 -17.75 -13.63 -17.50
N GLY A 153 -18.91 -13.46 -18.11
CA GLY A 153 -20.15 -13.21 -17.39
C GLY A 153 -20.35 -11.79 -16.90
N GLN A 154 -19.31 -10.97 -16.88
CA GLN A 154 -19.44 -9.61 -16.37
C GLN A 154 -20.37 -8.77 -17.24
N VAL A 155 -20.51 -9.13 -18.51
CA VAL A 155 -21.41 -8.39 -19.39
C VAL A 155 -22.84 -8.50 -18.87
N ASP A 156 -23.31 -9.72 -18.64
CA ASP A 156 -24.67 -9.89 -18.15
C ASP A 156 -24.83 -9.33 -16.74
N LEU A 157 -23.77 -9.36 -15.94
CA LEU A 157 -23.83 -8.74 -14.62
C LEU A 157 -24.07 -7.24 -14.71
N PHE A 158 -23.62 -6.61 -15.80
CA PHE A 158 -23.83 -5.18 -15.96
C PHE A 158 -25.30 -4.86 -16.19
N ARG A 159 -26.00 -5.69 -16.97
CA ARG A 159 -27.42 -5.46 -17.17
C ARG A 159 -28.18 -5.61 -15.87
N ASN A 160 -27.84 -6.63 -15.07
CA ASN A 160 -28.48 -6.82 -13.78
C ASN A 160 -28.17 -5.67 -12.82
N ALA A 161 -27.00 -5.07 -12.94
CA ALA A 161 -26.62 -4.01 -12.01
C ALA A 161 -27.54 -2.81 -12.15
N ARG A 162 -27.80 -2.14 -11.03
CA ARG A 162 -28.62 -0.93 -11.02
C ARG A 162 -27.81 0.28 -11.49
N ASN A 163 -26.58 0.43 -11.01
CA ASN A 163 -25.69 1.53 -11.37
C ASN A 163 -24.33 0.95 -11.73
N GLY A 164 -23.93 1.10 -12.99
CA GLY A 164 -22.65 0.56 -13.40
C GLY A 164 -22.16 1.16 -14.69
N VAL A 165 -20.93 0.80 -15.05
CA VAL A 165 -20.27 1.20 -16.29
C VAL A 165 -19.54 -0.01 -16.85
N LEU A 166 -19.65 -0.25 -18.15
CA LEU A 166 -19.10 -1.43 -18.80
C LEU A 166 -18.23 -1.05 -19.99
N ILE A 167 -17.13 -1.78 -20.16
CA ILE A 167 -16.31 -1.69 -21.37
C ILE A 167 -16.29 -3.06 -22.02
N THR A 168 -16.01 -3.07 -23.32
CA THR A 168 -15.93 -4.31 -24.08
C THR A 168 -15.11 -4.08 -25.33
N GLU A 169 -14.55 -5.16 -25.87
CA GLU A 169 -13.78 -5.12 -27.11
C GLU A 169 -14.63 -5.41 -28.35
N GLY A 170 -15.89 -5.77 -28.16
CA GLY A 170 -16.77 -6.03 -29.29
C GLY A 170 -18.19 -5.69 -28.92
N SER A 171 -19.03 -5.59 -29.95
CA SER A 171 -20.43 -5.21 -29.73
C SER A 171 -21.14 -6.26 -28.89
N VAL A 172 -22.08 -5.81 -28.08
CA VAL A 172 -22.92 -6.69 -27.25
C VAL A 172 -24.36 -6.53 -27.69
N LYS A 173 -25.06 -7.65 -27.81
CA LYS A 173 -26.43 -7.62 -28.32
C LYS A 173 -27.36 -6.89 -27.37
N GLY A 174 -28.18 -6.00 -27.91
CA GLY A 174 -29.15 -5.26 -27.14
C GLY A 174 -28.70 -3.91 -26.65
N LEU A 175 -27.45 -3.53 -26.89
CA LEU A 175 -26.92 -2.26 -26.39
C LEU A 175 -26.29 -1.48 -27.53
N GLN A 176 -26.48 -0.16 -27.51
CA GLN A 176 -25.86 0.71 -28.49
C GLN A 176 -24.54 1.23 -27.94
N PRO A 177 -23.40 0.81 -28.50
CA PRO A 177 -22.11 1.20 -27.95
C PRO A 177 -21.87 2.71 -28.06
N SER A 178 -20.96 3.19 -27.21
CA SER A 178 -20.42 4.54 -27.30
C SER A 178 -18.90 4.42 -27.38
N VAL A 179 -18.33 4.75 -28.54
CA VAL A 179 -16.93 4.50 -28.81
C VAL A 179 -16.05 5.36 -27.89
N GLY A 180 -15.08 4.73 -27.25
CA GLY A 180 -14.23 5.40 -26.29
C GLY A 180 -12.92 5.86 -26.89
N PRO A 181 -12.01 6.35 -26.05
CA PRO A 181 -10.73 6.84 -26.55
C PRO A 181 -9.93 5.74 -27.21
N LYS A 182 -8.92 6.15 -27.98
CA LYS A 182 -8.00 5.17 -28.56
C LYS A 182 -6.98 4.70 -27.54
N GLN A 183 -6.67 5.54 -26.55
CA GLN A 183 -5.64 5.21 -25.57
C GLN A 183 -6.25 4.54 -24.35
N ALA A 184 -5.45 3.69 -23.71
CA ALA A 184 -5.79 3.08 -22.43
C ALA A 184 -4.52 2.97 -21.61
N SER A 185 -4.65 2.50 -20.38
CA SER A 185 -3.52 2.37 -19.47
C SER A 185 -3.15 0.90 -19.34
N LEU A 186 -1.86 0.61 -19.50
CA LEU A 186 -1.31 -0.73 -19.38
C LEU A 186 -0.12 -0.65 -18.43
N ASN A 187 -0.31 -1.10 -17.19
CA ASN A 187 0.74 -1.08 -16.17
C ASN A 187 1.34 0.32 -16.04
N GLY A 188 0.49 1.33 -16.06
CA GLY A 188 0.93 2.69 -15.89
C GLY A 188 1.41 3.38 -17.14
N VAL A 189 1.40 2.71 -18.28
CA VAL A 189 1.82 3.29 -19.56
C VAL A 189 0.58 3.57 -20.40
N THR A 190 0.32 4.84 -20.67
CA THR A 190 -0.79 5.21 -21.54
C THR A 190 -0.35 5.04 -22.99
N LEU A 191 -1.10 4.24 -23.75
CA LEU A 191 -0.68 3.92 -25.10
C LEU A 191 -1.90 3.63 -25.97
N ILE A 192 -1.75 3.88 -27.26
CA ILE A 192 -2.73 3.43 -28.25
C ILE A 192 -2.25 2.08 -28.77
N GLY A 193 -2.99 1.03 -28.42
CA GLY A 193 -2.49 -0.32 -28.61
C GLY A 193 -2.47 -0.73 -30.07
N GLU A 194 -1.41 -1.45 -30.45
CA GLU A 194 -1.29 -2.08 -31.76
C GLU A 194 -1.33 -3.60 -31.66
N ALA A 195 -0.52 -4.18 -30.77
CA ALA A 195 -0.58 -5.62 -30.50
C ALA A 195 -1.71 -6.00 -29.55
N VAL A 196 -2.46 -5.02 -29.04
CA VAL A 196 -3.53 -5.26 -28.08
C VAL A 196 -4.55 -4.15 -28.26
N LYS A 197 -5.83 -4.49 -28.05
CA LYS A 197 -6.91 -3.52 -28.22
C LYS A 197 -6.98 -2.60 -27.01
N THR A 198 -7.05 -1.29 -27.27
CA THR A 198 -7.16 -0.30 -26.20
C THR A 198 -8.33 0.64 -26.38
N GLN A 199 -9.12 0.49 -27.43
CA GLN A 199 -10.32 1.28 -27.64
C GLN A 199 -11.55 0.42 -27.32
N PHE A 200 -12.32 0.85 -26.34
CA PHE A 200 -13.44 0.06 -25.82
C PHE A 200 -14.77 0.73 -26.18
N ASN A 201 -15.81 -0.09 -26.25
CA ASN A 201 -17.17 0.43 -26.24
C ASN A 201 -17.60 0.64 -24.79
N TYR A 202 -18.33 1.72 -24.54
CA TYR A 202 -18.74 2.08 -23.18
C TYR A 202 -20.25 1.99 -23.03
N TYR A 203 -20.69 1.59 -21.84
CA TYR A 203 -22.10 1.48 -21.51
C TYR A 203 -22.31 1.91 -20.07
N LYS A 204 -23.41 2.62 -19.81
CA LYS A 204 -23.67 3.15 -18.48
C LYS A 204 -25.15 2.96 -18.12
N LYS A 205 -25.38 2.56 -16.88
CA LYS A 205 -26.72 2.46 -16.31
C LYS A 205 -26.78 3.32 -15.06
N VAL A 206 -27.93 3.97 -14.86
CA VAL A 206 -28.21 4.79 -13.69
C VAL A 206 -29.60 4.45 -13.20
N ASP A 207 -29.70 4.01 -11.93
CA ASP A 207 -30.97 3.64 -11.31
C ASP A 207 -31.74 2.61 -12.15
N GLY A 208 -31.02 1.60 -12.64
CA GLY A 208 -31.63 0.57 -13.45
C GLY A 208 -31.99 0.99 -14.87
N VAL A 209 -31.65 2.21 -15.27
CA VAL A 209 -32.01 2.74 -16.57
C VAL A 209 -30.73 2.96 -17.37
N VAL A 210 -30.68 2.38 -18.58
CA VAL A 210 -29.50 2.52 -19.42
C VAL A 210 -29.37 3.97 -19.89
N GLN A 211 -28.15 4.48 -19.84
CA GLN A 211 -27.86 5.84 -20.29
C GLN A 211 -27.42 5.83 -21.75
N GLN A 212 -27.89 6.83 -22.50
CA GLN A 212 -27.40 7.10 -23.85
C GLN A 212 -26.28 8.12 -23.70
N LEU A 213 -25.04 7.64 -23.70
CA LEU A 213 -23.90 8.50 -23.39
C LEU A 213 -23.76 9.59 -24.46
N PRO A 214 -23.45 10.82 -24.06
CA PRO A 214 -23.32 11.90 -25.04
C PRO A 214 -22.05 11.74 -25.87
N GLU A 215 -22.15 12.09 -27.15
CA GLU A 215 -20.95 12.14 -27.97
C GLU A 215 -19.99 13.17 -27.39
N THR A 216 -18.71 12.82 -27.33
CA THR A 216 -17.75 13.56 -26.55
C THR A 216 -16.45 13.71 -27.32
N TYR A 217 -15.72 14.78 -27.01
CA TYR A 217 -14.31 14.86 -27.36
C TYR A 217 -13.49 14.12 -26.32
N PHE A 218 -12.32 13.63 -26.73
CA PHE A 218 -11.43 12.92 -25.83
C PHE A 218 -10.10 13.65 -25.74
N THR A 219 -9.54 13.70 -24.53
CA THR A 219 -8.20 14.22 -24.38
C THR A 219 -7.18 13.16 -24.80
N GLN A 220 -6.00 13.62 -25.17
CA GLN A 220 -5.01 12.77 -25.81
C GLN A 220 -4.10 12.07 -24.82
N SER A 221 -3.98 12.58 -23.59
CA SER A 221 -3.15 11.98 -22.55
C SER A 221 -1.69 11.87 -23.02
N ARG A 222 -1.09 13.03 -23.27
CA ARG A 222 0.30 13.13 -23.68
C ARG A 222 1.09 13.91 -22.63
N ASN A 223 2.40 13.95 -22.79
CA ASN A 223 3.28 14.67 -21.87
C ASN A 223 4.28 15.49 -22.69
N LEU A 224 5.00 16.39 -22.00
CA LEU A 224 5.89 17.31 -22.69
C LEU A 224 7.07 16.58 -23.33
N GLN A 225 7.62 15.60 -22.64
CA GLN A 225 8.88 15.00 -23.05
C GLN A 225 8.73 14.22 -24.36
N GLU A 226 7.69 13.39 -24.45
CA GLU A 226 7.53 12.46 -25.56
C GLU A 226 6.35 12.83 -26.46
N PHE A 227 6.02 14.12 -26.54
CA PHE A 227 4.83 14.56 -27.25
C PHE A 227 4.92 14.20 -28.74
N LYS A 228 3.87 13.56 -29.24
CA LYS A 228 3.77 13.21 -30.64
C LYS A 228 2.53 13.85 -31.25
N PRO A 229 2.65 14.59 -32.34
CA PRO A 229 1.45 15.10 -33.02
C PRO A 229 0.63 13.95 -33.60
N ARG A 230 -0.68 14.21 -33.73
CA ARG A 230 -1.61 13.18 -34.18
C ARG A 230 -2.55 13.70 -35.26
N SER A 231 -2.15 14.74 -35.98
CA SER A 231 -2.84 15.21 -37.17
C SER A 231 -1.90 16.15 -37.92
N GLN A 232 -2.22 16.38 -39.20
CA GLN A 232 -1.40 17.30 -39.98
C GLN A 232 -1.43 18.70 -39.38
N MET A 233 -2.58 19.11 -38.84
CA MET A 233 -2.67 20.44 -38.23
C MET A 233 -1.75 20.55 -37.02
N GLU A 234 -1.59 19.47 -36.25
CA GLU A 234 -0.67 19.50 -35.12
C GLU A 234 0.77 19.50 -35.60
N ILE A 235 1.07 18.78 -36.69
CA ILE A 235 2.40 18.83 -37.27
C ILE A 235 2.71 20.24 -37.77
N ASP A 236 1.76 20.86 -38.48
CA ASP A 236 1.95 22.21 -38.95
C ASP A 236 2.18 23.18 -37.79
N PHE A 237 1.48 22.96 -36.67
CA PHE A 237 1.65 23.84 -35.53
C PHE A 237 3.05 23.78 -34.96
N LEU A 238 3.66 22.58 -34.96
CA LEU A 238 5.01 22.40 -34.46
C LEU A 238 6.08 22.87 -35.43
N GLU A 239 5.77 22.98 -36.72
CA GLU A 239 6.75 23.35 -37.73
C GLU A 239 6.61 24.80 -38.18
N LEU A 240 5.41 25.22 -38.59
CA LEU A 240 5.22 26.56 -39.09
C LEU A 240 5.45 27.59 -37.99
N ALA A 241 5.66 28.84 -38.41
CA ALA A 241 5.75 29.94 -37.47
C ALA A 241 4.36 30.31 -36.96
N MET A 242 4.33 31.09 -35.88
CA MET A 242 3.06 31.45 -35.25
C MET A 242 2.11 32.12 -36.24
N ASP A 243 2.58 33.18 -36.91
CA ASP A 243 1.69 33.92 -37.81
C ASP A 243 1.40 33.13 -39.09
N GLU A 244 2.30 32.23 -39.48
CA GLU A 244 2.06 31.42 -40.66
C GLU A 244 1.02 30.34 -40.38
N PHE A 245 1.08 29.72 -39.20
CA PHE A 245 0.06 28.73 -38.83
C PHE A 245 -1.31 29.38 -38.71
N ILE A 246 -1.39 30.53 -38.02
CA ILE A 246 -2.67 31.22 -37.86
C ILE A 246 -3.23 31.65 -39.21
N GLU A 247 -2.36 31.97 -40.17
CA GLU A 247 -2.82 32.29 -41.51
C GLU A 247 -3.35 31.05 -42.24
N ARG A 248 -2.67 29.91 -42.07
CA ARG A 248 -3.07 28.66 -42.71
C ARG A 248 -4.52 28.30 -42.37
N TYR A 249 -4.82 28.22 -41.07
CA TYR A 249 -6.13 27.77 -40.62
C TYR A 249 -7.04 28.93 -40.24
N LYS A 250 -6.67 30.15 -40.64
CA LYS A 250 -7.53 31.33 -40.56
C LYS A 250 -8.09 31.51 -39.14
N LEU A 251 -7.18 31.52 -38.17
CA LEU A 251 -7.55 31.66 -36.77
C LEU A 251 -7.34 33.09 -36.26
N GLU A 252 -7.27 34.06 -37.17
CA GLU A 252 -7.12 35.46 -36.76
C GLU A 252 -8.34 35.89 -35.95
N GLY A 253 -8.09 36.65 -34.89
CA GLY A 253 -9.14 37.07 -33.99
C GLY A 253 -9.54 36.05 -32.95
N TYR A 254 -9.11 34.80 -33.08
CA TYR A 254 -9.37 33.79 -32.07
C TYR A 254 -8.30 33.75 -30.99
N ALA A 255 -7.30 34.64 -31.05
CA ALA A 255 -6.29 34.82 -30.01
C ALA A 255 -5.53 33.52 -29.72
N PHE A 256 -5.15 32.76 -30.75
CA PHE A 256 -4.32 31.58 -30.52
C PHE A 256 -2.96 31.98 -29.99
N GLU A 257 -2.48 33.18 -30.37
CA GLU A 257 -1.22 33.68 -29.84
C GLU A 257 -1.22 33.66 -28.32
N HIS A 258 -2.32 34.09 -27.72
CA HIS A 258 -2.42 34.12 -26.27
C HIS A 258 -2.73 32.73 -25.72
N ILE A 259 -3.82 32.12 -26.22
CA ILE A 259 -4.36 30.90 -25.61
C ILE A 259 -3.38 29.74 -25.76
N VAL A 260 -2.92 29.49 -26.98
CA VAL A 260 -2.15 28.29 -27.29
C VAL A 260 -0.65 28.53 -27.19
N TYR A 261 -0.16 29.58 -27.86
CA TYR A 261 1.28 29.84 -27.84
C TYR A 261 1.74 30.32 -26.46
N GLY A 262 0.94 31.18 -25.82
CA GLY A 262 1.32 31.76 -24.55
C GLY A 262 2.10 33.04 -24.69
N ASP A 263 1.84 34.01 -23.81
CA ASP A 263 2.56 35.28 -23.80
C ASP A 263 3.50 35.29 -22.59
N PHE A 264 4.79 35.43 -22.86
CA PHE A 264 5.82 35.40 -21.82
C PHE A 264 6.44 36.79 -21.59
N SER A 265 5.76 37.84 -22.02
CA SER A 265 6.34 39.18 -21.99
C SER A 265 6.25 39.83 -20.61
N HIS A 266 5.21 39.52 -19.85
CA HIS A 266 4.98 40.11 -18.54
C HIS A 266 5.30 39.10 -17.45
N SER A 267 5.39 39.60 -16.21
CA SER A 267 5.67 38.71 -15.08
C SER A 267 4.57 37.67 -14.92
N GLN A 268 3.32 38.08 -15.10
CA GLN A 268 2.18 37.18 -15.09
C GLN A 268 2.08 36.51 -16.47
N LEU A 269 2.36 35.22 -16.52
CA LEU A 269 2.28 34.48 -17.77
C LEU A 269 0.85 34.51 -18.32
N GLY A 270 0.74 34.59 -19.64
CA GLY A 270 -0.56 34.70 -20.27
C GLY A 270 -0.93 33.51 -21.14
N GLY A 271 -2.14 33.00 -20.96
CA GLY A 271 -2.61 31.92 -21.81
C GLY A 271 -1.89 30.61 -21.53
N LEU A 272 -1.42 29.96 -22.61
CA LEU A 272 -0.72 28.68 -22.54
C LEU A 272 -1.59 27.62 -21.86
N HIS A 273 -2.72 27.32 -22.50
CA HIS A 273 -3.71 26.40 -21.95
C HIS A 273 -3.81 25.08 -22.72
N LEU A 274 -3.15 24.96 -23.87
CA LEU A 274 -3.14 23.74 -24.67
C LEU A 274 -1.81 23.03 -24.51
N LEU A 275 -1.85 21.74 -24.18
CA LEU A 275 -0.62 21.00 -23.96
C LEU A 275 0.32 21.09 -25.17
N ILE A 276 -0.24 21.04 -26.39
CA ILE A 276 0.60 21.09 -27.58
C ILE A 276 1.38 22.40 -27.63
N GLY A 277 0.81 23.48 -27.12
CA GLY A 277 1.57 24.71 -27.00
C GLY A 277 2.65 24.62 -25.94
N LEU A 278 2.37 23.92 -24.84
CA LEU A 278 3.39 23.71 -23.83
C LEU A 278 4.54 22.87 -24.37
N ALA A 279 4.21 21.84 -25.14
CA ALA A 279 5.25 21.01 -25.74
C ALA A 279 6.13 21.82 -26.68
N LYS A 280 5.53 22.71 -27.47
CA LYS A 280 6.32 23.54 -28.39
C LYS A 280 7.27 24.46 -27.64
N ARG A 281 6.79 25.11 -26.58
CA ARG A 281 7.68 25.96 -25.79
C ARG A 281 8.77 25.15 -25.12
N PHE A 282 8.43 23.98 -24.56
CA PHE A 282 9.40 23.16 -23.84
C PHE A 282 10.51 22.70 -24.76
N LYS A 283 10.18 22.41 -26.03
CA LYS A 283 11.18 22.00 -27.00
C LYS A 283 12.17 23.12 -27.28
N GLU A 284 11.74 24.39 -27.18
CA GLU A 284 12.60 25.53 -27.41
C GLU A 284 13.32 26.01 -26.15
N SER A 285 12.65 25.96 -24.99
CA SER A 285 13.20 26.51 -23.76
C SER A 285 12.56 25.78 -22.59
N PRO A 286 13.31 25.42 -21.55
CA PRO A 286 12.73 24.66 -20.45
C PRO A 286 11.91 25.53 -19.51
N PHE A 287 10.84 24.94 -18.99
CA PHE A 287 10.06 25.55 -17.91
C PHE A 287 9.75 24.51 -16.86
N GLU A 288 9.33 25.00 -15.70
CA GLU A 288 9.01 24.16 -14.55
C GLU A 288 7.51 24.15 -14.33
N LEU A 289 6.96 22.96 -14.13
CA LEU A 289 5.54 22.75 -13.88
C LEU A 289 5.37 22.12 -12.51
N GLU A 290 4.64 22.78 -11.62
CA GLU A 290 4.29 22.22 -10.33
C GLU A 290 2.88 21.65 -10.41
N ASP A 291 2.76 20.33 -10.23
CA ASP A 291 1.47 19.65 -10.15
C ASP A 291 1.06 19.60 -8.68
N PHE A 292 0.49 20.71 -8.20
CA PHE A 292 0.17 20.77 -6.78
C PHE A 292 -1.01 19.90 -6.39
N ILE A 293 -1.73 19.33 -7.36
CA ILE A 293 -2.77 18.32 -7.09
C ILE A 293 -2.48 17.09 -7.95
N PRO A 294 -1.56 16.22 -7.53
CA PRO A 294 -1.17 15.09 -8.38
C PRO A 294 -2.24 14.01 -8.52
N MET A 295 -3.03 14.09 -9.58
CA MET A 295 -4.04 13.07 -9.88
C MET A 295 -4.44 13.21 -11.35
N ASP A 296 -5.06 12.16 -11.87
CA ASP A 296 -5.47 12.11 -13.27
C ASP A 296 -6.82 12.79 -13.43
N SER A 297 -6.85 13.89 -14.19
CA SER A 297 -8.11 14.55 -14.49
C SER A 297 -8.04 15.17 -15.87
N THR A 298 -9.22 15.38 -16.46
CA THR A 298 -9.32 15.89 -17.82
C THR A 298 -8.68 17.26 -17.96
N VAL A 299 -8.78 18.08 -16.93
CA VAL A 299 -8.13 19.38 -16.86
C VAL A 299 -7.15 19.34 -15.71
N LYS A 300 -5.92 19.77 -15.96
CA LYS A 300 -4.90 19.88 -14.93
C LYS A 300 -4.64 21.35 -14.66
N ASN A 301 -4.25 21.65 -13.41
CA ASN A 301 -3.84 22.99 -13.02
C ASN A 301 -2.38 22.94 -12.58
N TYR A 302 -1.54 23.76 -13.21
CA TYR A 302 -0.12 23.78 -12.90
C TYR A 302 0.32 25.16 -12.44
N PHE A 303 1.31 25.16 -11.56
CA PHE A 303 2.06 26.37 -11.19
C PHE A 303 3.31 26.37 -12.07
N ILE A 304 3.34 27.26 -13.06
CA ILE A 304 4.34 27.22 -14.12
C ILE A 304 5.29 28.41 -13.98
N THR A 305 6.60 28.12 -14.02
CA THR A 305 7.63 29.14 -13.99
C THR A 305 8.52 28.96 -15.21
N ASP A 306 8.54 29.96 -16.09
CA ASP A 306 9.33 29.87 -17.31
C ASP A 306 10.77 30.26 -17.00
N ALA A 307 11.71 29.34 -17.25
CA ALA A 307 13.09 29.55 -16.83
C ALA A 307 13.78 30.64 -17.65
N GLN A 308 13.39 30.80 -18.92
CA GLN A 308 14.06 31.78 -19.77
C GLN A 308 13.66 33.20 -19.38
N THR A 309 12.35 33.48 -19.38
CA THR A 309 11.83 34.82 -19.18
C THR A 309 11.52 35.15 -17.73
N GLY A 310 11.30 34.15 -16.88
CA GLY A 310 10.84 34.40 -15.53
C GLY A 310 9.35 34.68 -15.42
N SER A 311 8.61 34.61 -16.52
CA SER A 311 7.16 34.73 -16.48
C SER A 311 6.56 33.54 -15.73
N SER A 312 5.57 33.81 -14.87
CA SER A 312 5.02 32.75 -14.05
C SER A 312 3.54 32.98 -13.80
N LYS A 313 2.82 31.89 -13.51
CA LYS A 313 1.40 31.93 -13.19
C LYS A 313 1.11 30.89 -12.13
N CYS A 314 0.39 31.29 -11.08
CA CYS A 314 0.11 30.38 -9.97
C CYS A 314 -0.79 29.23 -10.39
N VAL A 315 -1.83 29.53 -11.16
CA VAL A 315 -2.80 28.54 -11.60
C VAL A 315 -2.92 28.68 -13.11
N CYS A 316 -2.31 27.75 -13.84
CA CYS A 316 -2.43 27.69 -15.29
C CYS A 316 -3.14 26.39 -15.61
N SER A 317 -4.39 26.49 -16.08
CA SER A 317 -5.13 25.31 -16.47
C SER A 317 -4.70 24.88 -17.85
N VAL A 318 -4.46 23.59 -18.01
CA VAL A 318 -3.95 23.02 -19.25
C VAL A 318 -4.80 21.79 -19.58
N ILE A 319 -5.21 21.67 -20.84
CA ILE A 319 -5.95 20.52 -21.32
C ILE A 319 -5.29 20.07 -22.62
N ASP A 320 -5.20 18.75 -22.82
CA ASP A 320 -4.58 18.20 -24.02
C ASP A 320 -5.68 17.70 -24.96
N LEU A 321 -6.26 18.64 -25.69
CA LEU A 321 -7.13 18.31 -26.80
C LEU A 321 -6.32 18.18 -28.07
N LEU A 322 -6.82 17.37 -28.99
CA LEU A 322 -6.31 17.44 -30.34
C LEU A 322 -6.57 18.84 -30.88
N LEU A 323 -5.53 19.44 -31.47
CA LEU A 323 -5.67 20.83 -31.92
C LEU A 323 -6.83 20.98 -32.88
N ASP A 324 -7.10 19.96 -33.70
CA ASP A 324 -8.27 20.00 -34.58
C ASP A 324 -9.55 20.16 -33.77
N ASP A 325 -9.68 19.39 -32.69
CA ASP A 325 -10.88 19.50 -31.85
C ASP A 325 -10.96 20.86 -31.18
N PHE A 326 -9.85 21.36 -30.64
CA PHE A 326 -9.87 22.66 -29.99
C PHE A 326 -10.27 23.77 -30.98
N VAL A 327 -9.79 23.68 -32.22
CA VAL A 327 -10.17 24.67 -33.23
C VAL A 327 -11.67 24.63 -33.48
N GLU A 328 -12.22 23.43 -33.68
CA GLU A 328 -13.64 23.29 -33.93
C GLU A 328 -14.48 23.82 -32.77
N ILE A 329 -13.95 23.79 -31.56
CA ILE A 329 -14.69 24.26 -30.40
C ILE A 329 -14.70 25.78 -30.33
N ILE A 330 -13.52 26.40 -30.51
CA ILE A 330 -13.45 27.85 -30.36
C ILE A 330 -14.01 28.55 -31.59
N LYS A 331 -13.97 27.92 -32.76
CA LYS A 331 -14.53 28.54 -33.95
C LYS A 331 -16.05 28.60 -33.92
N SER A 332 -16.68 27.80 -33.06
CA SER A 332 -18.14 27.73 -32.99
C SER A 332 -18.71 28.53 -31.82
N GLN A 333 -18.01 29.58 -31.38
CA GLN A 333 -18.42 30.34 -30.22
C GLN A 333 -18.95 31.71 -30.62
N ASP A 334 -19.59 32.38 -29.64
CA ASP A 334 -20.16 33.70 -29.85
C ASP A 334 -19.12 34.75 -29.45
N LEU A 335 -18.59 35.46 -30.45
CA LEU A 335 -17.56 36.46 -30.22
C LEU A 335 -18.11 37.80 -29.71
N SER A 336 -19.41 37.90 -29.48
CA SER A 336 -20.03 39.17 -29.12
C SER A 336 -20.02 39.42 -27.61
N VAL A 337 -20.43 38.43 -26.82
CA VAL A 337 -20.56 38.59 -25.38
C VAL A 337 -19.19 38.78 -24.75
N VAL A 338 -19.08 39.77 -23.86
CA VAL A 338 -17.77 40.10 -23.28
C VAL A 338 -17.28 38.97 -22.37
N SER A 339 -18.18 38.36 -21.60
CA SER A 339 -17.81 37.28 -20.69
C SER A 339 -18.93 36.27 -20.62
N LYS A 340 -18.59 35.00 -20.79
CA LYS A 340 -19.58 33.94 -20.72
C LYS A 340 -18.88 32.63 -20.39
N VAL A 341 -19.66 31.69 -19.84
CA VAL A 341 -19.18 30.36 -19.50
C VAL A 341 -19.76 29.36 -20.49
N VAL A 342 -18.88 28.51 -21.03
CA VAL A 342 -19.24 27.53 -22.06
C VAL A 342 -18.89 26.14 -21.54
N LYS A 343 -19.79 25.19 -21.74
CA LYS A 343 -19.57 23.80 -21.36
C LYS A 343 -19.32 22.95 -22.61
N VAL A 344 -18.34 22.04 -22.51
CA VAL A 344 -17.98 21.15 -23.60
C VAL A 344 -17.91 19.72 -23.06
N THR A 345 -18.49 18.78 -23.79
CA THR A 345 -18.46 17.38 -23.40
C THR A 345 -17.10 16.80 -23.78
N ILE A 346 -16.20 16.69 -22.79
CA ILE A 346 -14.87 16.12 -22.98
C ILE A 346 -14.70 14.99 -21.97
N ASP A 347 -14.19 13.85 -22.46
CA ASP A 347 -13.91 12.69 -21.61
C ASP A 347 -15.15 12.25 -20.83
N TYR A 348 -16.31 12.32 -21.48
CA TYR A 348 -17.60 11.92 -20.94
C TYR A 348 -18.08 12.80 -19.80
N THR A 349 -17.59 14.03 -19.69
CA THR A 349 -18.09 14.96 -18.69
C THR A 349 -18.22 16.35 -19.31
N GLU A 350 -18.80 17.27 -18.54
CA GLU A 350 -19.03 18.65 -18.98
C GLU A 350 -17.94 19.53 -18.37
N ILE A 351 -17.00 19.96 -19.19
CA ILE A 351 -15.91 20.85 -18.78
C ILE A 351 -16.33 22.29 -19.03
N SER A 352 -16.16 23.14 -18.03
CA SER A 352 -16.52 24.56 -18.14
C SER A 352 -15.34 25.36 -18.67
N PHE A 353 -15.60 26.22 -19.65
CA PHE A 353 -14.62 27.13 -20.23
C PHE A 353 -15.04 28.58 -19.99
N MET A 354 -14.08 29.42 -19.62
CA MET A 354 -14.32 30.85 -19.44
C MET A 354 -13.93 31.58 -20.72
N LEU A 355 -14.91 32.20 -21.37
CA LEU A 355 -14.70 32.85 -22.67
C LEU A 355 -14.85 34.36 -22.51
N TRP A 356 -13.71 35.05 -22.44
CA TRP A 356 -13.68 36.50 -22.51
C TRP A 356 -13.63 36.97 -23.96
N CYS A 357 -14.17 38.16 -24.21
CA CYS A 357 -14.13 38.75 -25.54
C CYS A 357 -14.01 40.27 -25.41
N LYS A 358 -13.72 40.91 -26.54
CA LYS A 358 -13.70 42.37 -26.62
C LYS A 358 -13.76 42.78 -28.08
N ASP A 359 -14.81 43.51 -28.45
CA ASP A 359 -14.99 44.03 -29.81
C ASP A 359 -14.87 42.93 -30.87
N GLY A 360 -15.64 41.86 -30.68
CA GLY A 360 -15.76 40.83 -31.69
C GLY A 360 -14.57 39.92 -31.86
N HIS A 361 -13.55 40.02 -31.01
CA HIS A 361 -12.42 39.12 -31.06
C HIS A 361 -12.18 38.52 -29.68
N VAL A 362 -11.59 37.32 -29.66
CA VAL A 362 -11.43 36.58 -28.42
C VAL A 362 -10.33 37.21 -27.58
N GLU A 363 -10.60 37.40 -26.29
CA GLU A 363 -9.57 37.81 -25.34
C GLU A 363 -8.78 36.61 -24.84
N THR A 364 -9.47 35.66 -24.21
CA THR A 364 -8.84 34.42 -23.77
C THR A 364 -9.92 33.35 -23.66
N PHE A 365 -9.49 32.10 -23.51
CA PHE A 365 -10.38 30.95 -23.52
C PHE A 365 -9.63 29.80 -22.88
N TYR A 366 -10.05 29.40 -21.67
CA TYR A 366 -9.34 28.41 -20.87
C TYR A 366 -10.34 27.51 -20.16
N PRO A 367 -9.96 26.27 -19.88
CA PRO A 367 -10.85 25.36 -19.15
C PRO A 367 -10.71 25.53 -17.64
N LYS A 368 -11.60 24.86 -16.90
CA LYS A 368 -11.64 24.95 -15.46
C LYS A 368 -11.66 23.55 -14.84
N LEU A 369 -10.87 23.37 -13.79
CA LEU A 369 -10.88 22.12 -13.02
C LEU A 369 -11.69 22.31 -11.74
N ASN B 23 -16.54 26.64 9.19
CA ASN B 23 -15.83 27.16 10.35
C ASN B 23 -15.28 26.03 11.23
N MET B 24 -14.76 24.98 10.59
CA MET B 24 -14.22 23.83 11.30
C MET B 24 -12.77 23.58 10.89
N SER B 25 -11.92 23.27 11.86
CA SER B 25 -10.49 23.19 11.61
C SER B 25 -9.81 22.48 12.77
N LEU B 26 -8.51 22.21 12.58
CA LEU B 26 -7.72 21.49 13.58
C LEU B 26 -7.37 22.40 14.76
N GLU B 27 -6.94 23.63 14.48
CA GLU B 27 -6.62 24.58 15.53
C GLU B 27 -7.85 25.00 16.33
N ASN B 28 -9.04 24.91 15.74
CA ASN B 28 -10.25 25.21 16.49
C ASN B 28 -10.64 24.05 17.40
N VAL B 29 -10.52 22.81 16.90
CA VAL B 29 -10.78 21.65 17.75
C VAL B 29 -9.87 21.67 18.97
N ALA B 30 -8.59 21.98 18.77
CA ALA B 30 -7.65 22.03 19.89
C ALA B 30 -7.98 23.17 20.86
N PHE B 31 -8.50 24.29 20.35
CA PHE B 31 -8.91 25.36 21.24
C PHE B 31 -10.01 24.90 22.19
N ASN B 32 -11.00 24.18 21.66
CA ASN B 32 -12.08 23.68 22.52
C ASN B 32 -11.57 22.66 23.51
N VAL B 33 -10.64 21.80 23.10
CA VAL B 33 -10.09 20.80 24.01
C VAL B 33 -9.38 21.48 25.17
N VAL B 34 -8.57 22.50 24.88
CA VAL B 34 -7.78 23.13 25.92
C VAL B 34 -8.65 23.93 26.87
N ASN B 35 -9.71 24.55 26.37
CA ASN B 35 -10.51 25.46 27.17
C ASN B 35 -11.73 24.81 27.80
N LYS B 36 -12.42 23.93 27.07
CA LYS B 36 -13.67 23.34 27.54
C LYS B 36 -13.56 21.85 27.84
N GLY B 37 -12.34 21.29 27.80
CA GLY B 37 -12.15 19.86 28.02
C GLY B 37 -12.59 18.96 26.89
N HIS B 38 -13.31 19.50 25.91
CA HIS B 38 -13.85 18.76 24.77
C HIS B 38 -14.38 19.80 23.79
N PHE B 39 -14.90 19.33 22.65
CA PHE B 39 -15.41 20.24 21.63
C PHE B 39 -16.77 20.77 22.03
N ASP B 40 -16.85 22.08 22.27
CA ASP B 40 -18.06 22.75 22.72
C ASP B 40 -18.60 23.74 21.69
N GLY B 41 -18.03 23.79 20.50
CA GLY B 41 -18.47 24.72 19.48
C GLY B 41 -18.03 26.15 19.67
N GLN B 42 -17.08 26.40 20.57
CA GLN B 42 -16.61 27.75 20.79
C GLN B 42 -15.69 28.19 19.65
N GLN B 43 -15.61 29.50 19.45
CA GLN B 43 -14.70 30.05 18.46
C GLN B 43 -13.33 30.26 19.08
N GLY B 44 -12.29 30.07 18.28
CA GLY B 44 -10.94 30.31 18.75
C GLY B 44 -9.96 29.34 18.11
N GLU B 45 -8.68 29.67 18.28
CA GLU B 45 -7.58 28.92 17.68
C GLU B 45 -6.41 28.86 18.66
N VAL B 46 -5.73 27.71 18.70
CA VAL B 46 -4.45 27.60 19.40
C VAL B 46 -3.43 26.96 18.46
N PRO B 47 -2.14 27.24 18.62
CA PRO B 47 -1.15 26.64 17.72
C PRO B 47 -0.95 25.17 18.01
N VAL B 48 -0.89 24.38 16.95
CA VAL B 48 -0.82 22.93 17.04
C VAL B 48 0.33 22.43 16.20
N SER B 49 1.06 21.44 16.72
CA SER B 49 2.07 20.75 15.94
C SER B 49 1.81 19.25 16.03
N ILE B 50 1.81 18.57 14.88
CA ILE B 50 1.55 17.14 14.77
C ILE B 50 2.86 16.42 14.57
N ILE B 51 3.21 15.52 15.50
CA ILE B 51 4.39 14.69 15.39
C ILE B 51 4.02 13.27 15.76
N ASN B 52 4.40 12.31 14.92
CA ASN B 52 4.11 10.89 15.15
C ASN B 52 2.59 10.75 15.13
N ASN B 53 1.97 10.06 16.09
CA ASN B 53 0.53 9.96 16.24
C ASN B 53 0.01 10.82 17.38
N THR B 54 0.64 11.97 17.63
CA THR B 54 0.35 12.76 18.80
C THR B 54 0.06 14.20 18.41
N VAL B 55 -0.92 14.81 19.07
CA VAL B 55 -1.24 16.20 18.90
C VAL B 55 -0.69 16.97 20.09
N TYR B 56 0.09 18.01 19.81
CA TYR B 56 0.63 18.86 20.85
C TYR B 56 0.10 20.27 20.71
N THR B 57 0.33 21.07 21.76
CA THR B 57 0.07 22.50 21.70
C THR B 57 1.06 23.19 22.62
N LYS B 58 1.25 24.49 22.42
CA LYS B 58 2.25 25.28 23.14
C LYS B 58 1.62 25.98 24.33
N VAL B 59 2.23 25.81 25.51
CA VAL B 59 1.84 26.52 26.72
C VAL B 59 3.11 27.06 27.35
N ASP B 60 3.23 28.39 27.43
CA ASP B 60 4.43 29.04 27.96
C ASP B 60 5.70 28.48 27.32
N GLY B 61 5.67 28.35 25.99
CA GLY B 61 6.86 28.08 25.22
C GLY B 61 7.24 26.62 25.06
N VAL B 62 6.48 25.68 25.61
CA VAL B 62 6.83 24.27 25.52
C VAL B 62 5.62 23.47 25.05
N ASP B 63 5.91 22.36 24.38
CA ASP B 63 4.85 21.54 23.81
C ASP B 63 4.23 20.65 24.88
N VAL B 64 2.91 20.61 24.91
CA VAL B 64 2.14 19.79 25.84
C VAL B 64 1.26 18.85 25.01
N GLU B 65 1.23 17.58 25.39
CA GLU B 65 0.50 16.57 24.63
C GLU B 65 -0.99 16.70 24.92
N LEU B 66 -1.79 16.85 23.86
CA LEU B 66 -3.24 16.89 23.97
C LEU B 66 -3.91 15.57 23.67
N PHE B 67 -3.27 14.71 22.88
CA PHE B 67 -3.96 13.52 22.37
C PHE B 67 -2.95 12.57 21.72
N GLU B 68 -3.05 11.29 22.03
CA GLU B 68 -2.20 10.27 21.43
C GLU B 68 -3.10 9.35 20.60
N ASN B 69 -2.92 9.34 19.29
CA ASN B 69 -3.79 8.56 18.40
C ASN B 69 -3.48 7.08 18.56
N LYS B 70 -4.44 6.32 19.10
CA LYS B 70 -4.33 4.88 19.21
C LYS B 70 -5.21 4.17 18.19
N THR B 71 -5.93 4.91 17.35
CA THR B 71 -6.83 4.35 16.36
C THR B 71 -6.07 4.05 15.06
N THR B 72 -6.77 3.45 14.10
CA THR B 72 -6.24 3.21 12.76
C THR B 72 -6.53 4.36 11.80
N LEU B 73 -7.18 5.43 12.27
CA LEU B 73 -7.46 6.63 11.50
C LEU B 73 -6.31 7.61 11.58
N PRO B 74 -6.24 8.58 10.65
CA PRO B 74 -5.18 9.59 10.73
C PRO B 74 -5.27 10.40 12.01
N VAL B 75 -4.11 10.85 12.50
CA VAL B 75 -4.03 11.43 13.84
C VAL B 75 -4.98 12.61 13.99
N ASN B 76 -5.01 13.50 13.00
CA ASN B 76 -5.84 14.70 13.12
C ASN B 76 -7.31 14.35 12.99
N VAL B 77 -7.64 13.25 12.31
CA VAL B 77 -9.04 12.85 12.20
C VAL B 77 -9.54 12.27 13.51
N ALA B 78 -8.81 11.30 14.06
CA ALA B 78 -9.21 10.70 15.34
C ALA B 78 -9.21 11.73 16.46
N PHE B 79 -8.25 12.66 16.44
CA PHE B 79 -8.24 13.74 17.41
C PHE B 79 -9.56 14.50 17.40
N GLU B 80 -10.06 14.83 16.21
CA GLU B 80 -11.31 15.57 16.12
C GLU B 80 -12.49 14.73 16.57
N LEU B 81 -12.50 13.44 16.21
CA LEU B 81 -13.62 12.59 16.62
C LEU B 81 -13.62 12.38 18.12
N TRP B 82 -12.45 12.23 18.72
CA TRP B 82 -12.37 12.14 20.18
C TRP B 82 -12.90 13.41 20.84
N ALA B 83 -12.50 14.57 20.33
CA ALA B 83 -12.94 15.83 20.93
C ALA B 83 -14.44 15.99 20.85
N LYS B 84 -15.08 15.36 19.86
CA LYS B 84 -16.52 15.45 19.67
C LYS B 84 -17.27 14.25 20.24
N ARG B 85 -16.61 13.45 21.08
CA ARG B 85 -17.28 12.32 21.70
C ARG B 85 -18.48 12.79 22.51
N ASN B 86 -19.48 11.93 22.60
CA ASN B 86 -20.63 12.17 23.48
C ASN B 86 -20.15 12.11 24.93
N ILE B 87 -20.47 13.15 25.70
CA ILE B 87 -20.06 13.26 27.09
C ILE B 87 -21.24 13.14 28.04
N LYS B 88 -22.39 12.73 27.54
CA LYS B 88 -23.50 12.34 28.38
C LYS B 88 -23.46 10.84 28.60
N PRO B 89 -24.16 10.32 29.60
CA PRO B 89 -24.30 8.87 29.72
C PRO B 89 -24.85 8.26 28.45
N VAL B 90 -24.14 7.28 27.92
CA VAL B 90 -24.51 6.64 26.66
C VAL B 90 -24.46 5.14 26.83
N PRO B 91 -25.19 4.39 26.01
CA PRO B 91 -25.16 2.93 26.09
C PRO B 91 -23.75 2.39 25.82
N GLU B 92 -23.40 1.32 26.53
CA GLU B 92 -22.12 0.67 26.30
C GLU B 92 -22.06 0.12 24.88
N VAL B 93 -20.85 0.06 24.32
CA VAL B 93 -20.69 -0.33 22.92
C VAL B 93 -21.27 -1.72 22.68
N LYS B 94 -21.11 -2.63 23.65
CA LYS B 94 -21.59 -4.00 23.45
C LYS B 94 -23.11 -4.04 23.25
N ILE B 95 -23.84 -3.11 23.86
CA ILE B 95 -25.29 -3.08 23.68
C ILE B 95 -25.64 -2.63 22.26
N LEU B 96 -24.96 -1.57 21.78
CA LEU B 96 -25.21 -1.09 20.43
C LEU B 96 -24.80 -2.11 19.39
N ASN B 97 -23.70 -2.81 19.61
CA ASN B 97 -23.30 -3.88 18.70
C ASN B 97 -24.36 -4.97 18.64
N ASN B 98 -24.91 -5.35 19.79
CA ASN B 98 -25.89 -6.43 19.81
C ASN B 98 -27.23 -6.01 19.20
N LEU B 99 -27.53 -4.72 19.18
CA LEU B 99 -28.74 -4.22 18.55
C LEU B 99 -28.55 -3.88 17.07
N GLY B 100 -27.35 -4.09 16.53
CA GLY B 100 -27.13 -3.93 15.11
C GLY B 100 -26.81 -2.53 14.66
N VAL B 101 -26.35 -1.66 15.56
CA VAL B 101 -26.07 -0.28 15.18
C VAL B 101 -24.82 -0.24 14.31
N ASP B 102 -24.93 0.45 13.17
CA ASP B 102 -23.81 0.66 12.28
C ASP B 102 -23.18 2.04 12.41
N ILE B 103 -23.94 3.02 12.90
CA ILE B 103 -23.53 4.41 12.90
C ILE B 103 -24.42 5.17 13.87
N ALA B 104 -23.93 6.31 14.35
CA ALA B 104 -24.70 7.19 15.23
C ALA B 104 -25.08 8.47 14.50
N ALA B 105 -26.14 9.11 14.98
CA ALA B 105 -26.69 10.31 14.36
C ALA B 105 -26.21 11.56 15.10
N ASN B 106 -25.32 12.32 14.45
CA ASN B 106 -24.88 13.65 14.90
C ASN B 106 -24.09 13.60 16.19
N THR B 107 -23.37 12.51 16.43
CA THR B 107 -22.55 12.40 17.63
C THR B 107 -21.53 11.30 17.40
N VAL B 108 -20.56 11.24 18.30
CA VAL B 108 -19.54 10.19 18.28
C VAL B 108 -19.62 9.43 19.58
N ILE B 109 -19.90 8.13 19.48
CA ILE B 109 -19.80 7.23 20.62
C ILE B 109 -18.37 6.75 20.68
N TRP B 110 -17.61 7.26 21.64
CA TRP B 110 -16.22 6.86 21.79
C TRP B 110 -16.16 5.51 22.49
N ASP B 111 -15.50 4.54 21.86
CA ASP B 111 -15.29 3.20 22.40
C ASP B 111 -14.05 3.27 23.28
N TYR B 112 -14.26 3.45 24.58
CA TYR B 112 -13.13 3.56 25.50
C TYR B 112 -12.44 2.24 25.74
N LYS B 113 -13.07 1.11 25.38
CA LYS B 113 -12.40 -0.17 25.47
C LYS B 113 -11.32 -0.29 24.40
N ARG B 114 -11.62 0.17 23.19
CA ARG B 114 -10.66 0.14 22.09
C ARG B 114 -9.89 1.45 21.92
N ASP B 115 -10.28 2.50 22.63
CA ASP B 115 -9.64 3.82 22.51
C ASP B 115 -9.75 4.34 21.08
N ALA B 116 -10.92 4.16 20.49
CA ALA B 116 -11.18 4.48 19.09
C ALA B 116 -12.67 4.68 18.92
N PRO B 117 -13.11 5.37 17.87
CA PRO B 117 -14.55 5.51 17.62
C PRO B 117 -15.21 4.15 17.51
N ALA B 118 -16.46 4.09 17.99
CA ALA B 118 -17.19 2.82 17.97
C ALA B 118 -17.61 2.42 16.57
N HIS B 119 -17.89 3.38 15.68
CA HIS B 119 -18.39 3.07 14.36
C HIS B 119 -17.48 3.68 13.30
N ILE B 120 -17.50 3.06 12.11
CA ILE B 120 -16.59 3.46 11.05
C ILE B 120 -16.88 4.87 10.60
N SER B 121 -18.13 5.16 10.26
CA SER B 121 -18.49 6.46 9.70
C SER B 121 -19.28 7.27 10.71
N THR B 122 -19.57 8.52 10.33
CA THR B 122 -20.28 9.48 11.17
C THR B 122 -21.35 10.18 10.35
N ILE B 123 -22.22 10.92 11.03
CA ILE B 123 -23.28 11.71 10.39
C ILE B 123 -23.27 13.10 10.99
N GLY B 124 -23.06 14.11 10.15
CA GLY B 124 -23.07 15.50 10.60
C GLY B 124 -22.08 15.81 11.69
N VAL B 125 -20.90 15.19 11.67
CA VAL B 125 -19.92 15.33 12.75
C VAL B 125 -18.59 15.86 12.24
N CYS B 126 -18.02 15.23 11.22
CA CYS B 126 -16.66 15.48 10.78
C CYS B 126 -16.59 15.36 9.27
N SER B 127 -16.05 16.37 8.59
CA SER B 127 -16.01 16.34 7.13
C SER B 127 -15.22 15.14 6.61
N MET B 128 -14.27 14.64 7.39
CA MET B 128 -13.46 13.51 6.95
C MET B 128 -14.27 12.23 6.90
N THR B 129 -15.04 11.94 7.95
CA THR B 129 -15.69 10.65 8.12
C THR B 129 -17.19 10.68 7.83
N ASP B 130 -17.75 11.83 7.47
CA ASP B 130 -19.18 11.94 7.24
C ASP B 130 -19.56 11.24 5.94
N ILE B 131 -20.44 10.24 6.03
CA ILE B 131 -21.13 9.75 4.84
C ILE B 131 -22.34 10.62 4.51
N ALA B 132 -22.78 11.45 5.46
CA ALA B 132 -23.94 12.32 5.29
C ALA B 132 -23.89 13.39 6.37
N LYS B 133 -24.65 14.47 6.14
CA LYS B 133 -24.70 15.56 7.11
C LYS B 133 -25.94 15.50 8.01
N LYS B 134 -26.98 14.79 7.60
CA LYS B 134 -28.20 14.61 8.36
C LYS B 134 -28.65 13.16 8.22
N PRO B 135 -29.30 12.61 9.25
CA PRO B 135 -29.67 11.18 9.21
C PRO B 135 -30.70 10.83 8.16
N THR B 136 -31.32 11.81 7.49
CA THR B 136 -32.38 11.56 6.53
C THR B 136 -31.89 11.32 5.11
N GLU B 137 -30.57 11.29 4.88
CA GLU B 137 -30.05 11.09 3.53
C GLU B 137 -30.14 9.62 3.11
N THR B 138 -30.06 9.42 1.80
CA THR B 138 -30.37 8.11 1.21
C THR B 138 -29.38 7.04 1.65
N ILE B 139 -28.09 7.39 1.80
CA ILE B 139 -27.06 6.42 2.15
C ILE B 139 -27.31 5.80 3.52
N CYS B 140 -28.08 6.48 4.38
CA CYS B 140 -28.34 6.01 5.73
C CYS B 140 -29.46 4.99 5.82
N ALA B 141 -30.34 4.93 4.81
CA ALA B 141 -31.51 4.07 4.89
C ALA B 141 -31.20 2.61 5.17
N PRO B 142 -30.22 1.96 4.53
CA PRO B 142 -29.91 0.57 4.87
C PRO B 142 -29.12 0.40 6.15
N LEU B 143 -28.68 1.47 6.79
CA LEU B 143 -27.86 1.40 8.00
C LEU B 143 -28.74 1.63 9.22
N THR B 144 -28.52 0.82 10.25
CA THR B 144 -29.23 1.00 11.52
C THR B 144 -28.58 2.15 12.28
N VAL B 145 -29.30 3.26 12.38
CA VAL B 145 -28.77 4.51 12.94
C VAL B 145 -29.19 4.63 14.39
N PHE B 146 -28.28 5.13 15.22
CA PHE B 146 -28.55 5.34 16.63
C PHE B 146 -29.09 6.75 16.84
N PHE B 147 -30.20 6.85 17.57
CA PHE B 147 -30.85 8.12 17.85
C PHE B 147 -30.93 8.31 19.36
N ASP B 148 -30.58 9.51 19.83
CA ASP B 148 -30.59 9.85 21.25
C ASP B 148 -31.80 10.75 21.50
N GLY B 149 -32.84 10.17 22.10
CA GLY B 149 -34.07 10.91 22.37
C GLY B 149 -33.89 12.09 23.31
N ARG B 150 -32.79 12.13 24.06
CA ARG B 150 -32.51 13.29 24.90
C ARG B 150 -32.15 14.52 24.09
N VAL B 151 -31.84 14.37 22.80
CA VAL B 151 -31.51 15.47 21.90
C VAL B 151 -32.76 15.85 21.12
N ASP B 152 -33.01 17.15 21.00
CA ASP B 152 -34.24 17.61 20.36
C ASP B 152 -34.28 17.19 18.90
N GLY B 153 -35.48 16.81 18.43
CA GLY B 153 -35.67 16.38 17.06
C GLY B 153 -35.18 14.99 16.75
N GLN B 154 -34.25 14.45 17.54
CA GLN B 154 -33.78 13.08 17.32
C GLN B 154 -34.92 12.08 17.49
N VAL B 155 -35.91 12.41 18.32
CA VAL B 155 -37.07 11.55 18.46
C VAL B 155 -37.84 11.47 17.14
N ASP B 156 -38.07 12.62 16.49
CA ASP B 156 -38.81 12.60 15.24
C ASP B 156 -38.00 11.93 14.14
N LEU B 157 -36.67 12.07 14.16
CA LEU B 157 -35.84 11.46 13.13
C LEU B 157 -35.86 9.94 13.18
N PHE B 158 -36.25 9.34 14.31
CA PHE B 158 -36.29 7.88 14.39
C PHE B 158 -37.53 7.32 13.70
N ARG B 159 -38.69 7.97 13.85
CA ARG B 159 -39.93 7.42 13.33
C ARG B 159 -40.03 7.50 11.81
N ASN B 160 -39.18 8.29 11.16
CA ASN B 160 -39.13 8.31 9.69
C ASN B 160 -37.84 7.70 9.16
N ALA B 161 -37.10 6.98 9.99
CA ALA B 161 -35.89 6.27 9.56
C ALA B 161 -36.23 4.82 9.29
N ARG B 162 -35.60 4.24 8.26
CA ARG B 162 -35.87 2.86 7.90
C ARG B 162 -35.34 1.90 8.96
N ASN B 163 -34.04 1.94 9.22
CA ASN B 163 -33.41 1.12 10.24
C ASN B 163 -32.84 2.04 11.31
N GLY B 164 -33.09 1.71 12.58
CA GLY B 164 -32.62 2.58 13.63
C GLY B 164 -32.85 2.01 15.01
N VAL B 165 -32.19 2.63 15.98
CA VAL B 165 -32.30 2.28 17.39
C VAL B 165 -32.39 3.58 18.19
N LEU B 166 -33.40 3.69 19.04
CA LEU B 166 -33.66 4.91 19.78
C LEU B 166 -33.64 4.63 21.28
N ILE B 167 -32.97 5.50 22.03
CA ILE B 167 -33.02 5.50 23.49
C ILE B 167 -33.67 6.80 23.94
N THR B 168 -34.43 6.73 25.02
CA THR B 168 -35.05 7.92 25.59
C THR B 168 -35.17 7.72 27.09
N GLU B 169 -35.60 8.78 27.77
CA GLU B 169 -35.80 8.71 29.21
C GLU B 169 -37.25 8.45 29.59
N GLY B 170 -38.18 9.21 29.02
CA GLY B 170 -39.59 9.01 29.27
C GLY B 170 -40.17 7.96 28.33
N SER B 171 -41.51 7.96 28.27
CA SER B 171 -42.20 7.06 27.37
C SER B 171 -42.46 7.74 26.03
N VAL B 172 -42.51 6.93 24.97
CA VAL B 172 -42.79 7.41 23.62
C VAL B 172 -44.21 7.01 23.26
N LYS B 173 -45.02 7.99 22.89
CA LYS B 173 -46.44 7.77 22.64
C LYS B 173 -46.66 6.71 21.56
N GLY B 174 -47.34 5.63 21.92
CA GLY B 174 -47.70 4.60 20.98
C GLY B 174 -46.63 3.57 20.68
N LEU B 175 -45.45 3.70 21.27
CA LEU B 175 -44.40 2.70 21.16
C LEU B 175 -44.20 2.02 22.51
N GLN B 176 -44.22 0.70 22.51
CA GLN B 176 -43.99 -0.02 23.75
C GLN B 176 -42.50 -0.06 24.05
N PRO B 177 -42.08 0.32 25.26
CA PRO B 177 -40.65 0.38 25.58
C PRO B 177 -40.11 -0.94 26.08
N SER B 178 -38.86 -1.21 25.72
CA SER B 178 -38.09 -2.33 26.25
C SER B 178 -37.05 -1.75 27.21
N VAL B 179 -37.25 -1.98 28.51
CA VAL B 179 -36.36 -1.41 29.53
C VAL B 179 -34.99 -2.03 29.40
N GLY B 180 -33.97 -1.17 29.26
CA GLY B 180 -32.60 -1.62 29.08
C GLY B 180 -31.85 -1.78 30.39
N PRO B 181 -30.53 -1.86 30.31
CA PRO B 181 -29.73 -2.08 31.52
C PRO B 181 -29.79 -0.90 32.48
N LYS B 182 -29.42 -1.15 33.74
CA LYS B 182 -29.39 -0.07 34.71
C LYS B 182 -28.23 0.89 34.46
N GLN B 183 -27.12 0.38 33.94
CA GLN B 183 -25.90 1.16 33.83
C GLN B 183 -25.73 1.69 32.41
N ALA B 184 -25.05 2.84 32.31
CA ALA B 184 -24.57 3.37 31.03
C ALA B 184 -23.12 3.78 31.21
N SER B 185 -22.50 4.21 30.12
CA SER B 185 -21.12 4.69 30.14
C SER B 185 -21.11 6.20 30.06
N LEU B 186 -20.33 6.83 30.94
CA LEU B 186 -20.20 8.28 30.98
C LEU B 186 -18.72 8.61 30.98
N ASN B 187 -18.24 9.13 29.85
CA ASN B 187 -16.82 9.49 29.69
C ASN B 187 -15.92 8.30 30.00
N GLY B 188 -16.33 7.11 29.57
CA GLY B 188 -15.57 5.91 29.80
C GLY B 188 -15.82 5.22 31.12
N VAL B 189 -16.64 5.80 31.98
CA VAL B 189 -16.93 5.25 33.30
C VAL B 189 -18.31 4.62 33.26
N THR B 190 -18.36 3.30 33.37
CA THR B 190 -19.63 2.59 33.47
C THR B 190 -20.17 2.74 34.89
N LEU B 191 -21.43 3.18 35.00
CA LEU B 191 -21.98 3.49 36.31
C LEU B 191 -23.50 3.43 36.25
N ILE B 192 -24.10 3.12 37.39
CA ILE B 192 -25.54 3.21 37.55
C ILE B 192 -25.84 4.60 38.10
N GLY B 193 -26.41 5.46 37.26
CA GLY B 193 -26.48 6.87 37.58
C GLY B 193 -27.43 7.15 38.73
N GLU B 194 -27.05 8.12 39.57
CA GLU B 194 -27.88 8.62 40.67
C GLU B 194 -28.21 10.09 40.51
N ALA B 195 -27.23 10.92 40.15
CA ALA B 195 -27.46 12.33 39.83
C ALA B 195 -27.86 12.53 38.38
N VAL B 196 -27.76 11.48 37.57
CA VAL B 196 -28.11 11.50 36.16
C VAL B 196 -28.69 10.12 35.84
N LYS B 197 -29.60 10.08 34.87
CA LYS B 197 -30.30 8.85 34.56
C LYS B 197 -29.51 8.05 33.53
N THR B 198 -29.34 6.76 33.79
CA THR B 198 -28.59 5.90 32.88
C THR B 198 -29.36 4.67 32.43
N GLN B 199 -30.60 4.49 32.86
CA GLN B 199 -31.43 3.39 32.38
C GLN B 199 -32.40 3.93 31.34
N PHE B 200 -32.35 3.38 30.14
CA PHE B 200 -33.07 3.91 28.99
C PHE B 200 -34.14 2.94 28.51
N ASN B 201 -35.14 3.50 27.83
CA ASN B 201 -36.04 2.71 27.00
C ASN B 201 -35.39 2.47 25.65
N TYR B 202 -35.61 1.28 25.09
CA TYR B 202 -35.00 0.90 23.82
C TYR B 202 -36.07 0.61 22.78
N TYR B 203 -35.91 1.22 21.61
CA TYR B 203 -36.81 1.01 20.49
C TYR B 203 -35.98 0.74 19.25
N LYS B 204 -36.33 -0.31 18.51
CA LYS B 204 -35.60 -0.69 17.31
C LYS B 204 -36.57 -0.80 16.15
N LYS B 205 -36.12 -0.35 14.98
CA LYS B 205 -36.93 -0.40 13.77
C LYS B 205 -36.09 -1.04 12.66
N VAL B 206 -36.67 -2.03 11.99
CA VAL B 206 -36.01 -2.75 10.91
C VAL B 206 -36.87 -2.63 9.66
N ASP B 207 -36.25 -2.18 8.56
CA ASP B 207 -36.91 -2.04 7.26
C ASP B 207 -38.17 -1.18 7.35
N GLY B 208 -38.18 -0.20 8.24
CA GLY B 208 -39.29 0.72 8.36
C GLY B 208 -40.39 0.31 9.32
N VAL B 209 -40.40 -0.95 9.78
CA VAL B 209 -41.43 -1.47 10.67
C VAL B 209 -40.83 -1.72 12.03
N VAL B 210 -41.54 -1.27 13.07
CA VAL B 210 -41.05 -1.41 14.45
C VAL B 210 -40.99 -2.89 14.83
N GLN B 211 -39.90 -3.26 15.50
CA GLN B 211 -39.68 -4.62 15.95
C GLN B 211 -39.92 -4.74 17.45
N GLN B 212 -40.34 -5.92 17.87
CA GLN B 212 -40.55 -6.22 19.28
C GLN B 212 -39.24 -6.78 19.83
N LEU B 213 -38.56 -5.99 20.66
CA LEU B 213 -37.31 -6.46 21.25
C LEU B 213 -37.62 -7.58 22.24
N PRO B 214 -36.86 -8.68 22.21
CA PRO B 214 -37.15 -9.78 23.12
C PRO B 214 -36.78 -9.42 24.55
N GLU B 215 -37.46 -10.07 25.50
CA GLU B 215 -37.04 -9.98 26.89
C GLU B 215 -35.64 -10.58 27.01
N THR B 216 -34.83 -10.01 27.89
CA THR B 216 -33.43 -10.34 27.89
C THR B 216 -32.85 -10.13 29.29
N TYR B 217 -31.84 -10.95 29.61
CA TYR B 217 -30.95 -10.66 30.72
C TYR B 217 -29.98 -9.56 30.32
N PHE B 218 -29.30 -9.00 31.33
CA PHE B 218 -28.29 -7.98 31.10
C PHE B 218 -27.05 -8.31 31.91
N THR B 219 -25.89 -8.16 31.28
CA THR B 219 -24.64 -8.34 32.00
C THR B 219 -24.43 -7.16 32.95
N GLN B 220 -23.73 -7.42 34.06
CA GLN B 220 -23.60 -6.41 35.11
C GLN B 220 -22.50 -5.39 34.83
N SER B 221 -21.58 -5.70 33.92
CA SER B 221 -20.54 -4.75 33.52
C SER B 221 -19.68 -4.31 34.71
N ARG B 222 -19.16 -5.30 35.44
CA ARG B 222 -18.29 -5.06 36.57
C ARG B 222 -16.88 -5.52 36.25
N ASN B 223 -15.94 -5.18 37.14
CA ASN B 223 -14.57 -5.68 37.03
C ASN B 223 -14.13 -6.22 38.38
N LEU B 224 -12.94 -6.82 38.40
CA LEU B 224 -12.47 -7.51 39.60
C LEU B 224 -11.99 -6.55 40.68
N GLN B 225 -11.34 -5.46 40.29
CA GLN B 225 -10.71 -4.58 41.26
C GLN B 225 -11.72 -3.99 42.23
N GLU B 226 -12.92 -3.68 41.76
CA GLU B 226 -13.93 -3.00 42.55
C GLU B 226 -15.25 -3.74 42.52
N PHE B 227 -15.19 -5.07 42.46
CA PHE B 227 -16.40 -5.87 42.37
C PHE B 227 -17.23 -5.75 43.64
N LYS B 228 -18.52 -5.44 43.47
CA LYS B 228 -19.46 -5.37 44.57
C LYS B 228 -20.68 -6.21 44.26
N PRO B 229 -21.18 -6.99 45.23
CA PRO B 229 -22.38 -7.80 44.99
C PRO B 229 -23.61 -6.92 44.92
N ARG B 230 -24.60 -7.39 44.16
CA ARG B 230 -25.81 -6.63 43.88
C ARG B 230 -27.08 -7.40 44.25
N SER B 231 -26.94 -8.45 45.06
CA SER B 231 -28.08 -9.19 45.57
C SER B 231 -27.61 -9.95 46.81
N GLN B 232 -28.58 -10.53 47.52
CA GLN B 232 -28.24 -11.30 48.71
C GLN B 232 -27.47 -12.56 48.36
N MET B 233 -27.90 -13.27 47.32
CA MET B 233 -27.21 -14.49 46.91
C MET B 233 -25.75 -14.21 46.54
N GLU B 234 -25.49 -13.06 45.91
CA GLU B 234 -24.10 -12.73 45.59
C GLU B 234 -23.32 -12.36 46.85
N ILE B 235 -23.99 -11.80 47.85
CA ILE B 235 -23.33 -11.55 49.14
C ILE B 235 -22.98 -12.89 49.80
N ASP B 236 -23.90 -13.84 49.76
CA ASP B 236 -23.64 -15.17 50.32
C ASP B 236 -22.53 -15.88 49.57
N PHE B 237 -22.47 -15.71 48.25
CA PHE B 237 -21.45 -16.38 47.46
C PHE B 237 -20.05 -15.94 47.84
N LEU B 238 -19.85 -14.63 48.06
CA LEU B 238 -18.54 -14.10 48.38
C LEU B 238 -18.13 -14.42 49.81
N GLU B 239 -19.10 -14.58 50.71
CA GLU B 239 -18.81 -14.79 52.11
C GLU B 239 -18.82 -16.26 52.52
N LEU B 240 -19.74 -17.05 51.99
CA LEU B 240 -19.86 -18.44 52.42
C LEU B 240 -18.84 -19.32 51.73
N ALA B 241 -18.60 -20.49 52.34
CA ALA B 241 -17.77 -21.50 51.73
C ALA B 241 -18.51 -22.17 50.56
N MET B 242 -17.72 -22.78 49.67
CA MET B 242 -18.28 -23.39 48.47
C MET B 242 -19.37 -24.40 48.80
N ASP B 243 -19.09 -25.31 49.73
CA ASP B 243 -20.10 -26.30 50.10
C ASP B 243 -21.32 -25.65 50.74
N GLU B 244 -21.10 -24.66 51.62
CA GLU B 244 -22.21 -24.03 52.32
C GLU B 244 -23.13 -23.31 51.36
N PHE B 245 -22.57 -22.65 50.34
CA PHE B 245 -23.39 -21.97 49.36
C PHE B 245 -24.20 -22.95 48.54
N ILE B 246 -23.58 -24.03 48.07
CA ILE B 246 -24.30 -25.02 47.25
C ILE B 246 -25.40 -25.68 48.08
N GLU B 247 -25.15 -25.85 49.38
CA GLU B 247 -26.16 -26.46 50.25
C GLU B 247 -27.34 -25.52 50.47
N ARG B 248 -27.08 -24.23 50.67
CA ARG B 248 -28.16 -23.29 50.98
C ARG B 248 -29.07 -23.08 49.78
N TYR B 249 -28.50 -22.90 48.59
CA TYR B 249 -29.29 -22.61 47.40
C TYR B 249 -29.60 -23.85 46.57
N LYS B 250 -29.38 -25.04 47.12
CA LYS B 250 -29.78 -26.32 46.52
C LYS B 250 -29.31 -26.43 45.07
N LEU B 251 -27.99 -26.35 44.90
CA LEU B 251 -27.36 -26.36 43.59
C LEU B 251 -26.64 -27.66 43.29
N GLU B 252 -26.96 -28.74 43.99
CA GLU B 252 -26.33 -30.01 43.72
C GLU B 252 -26.73 -30.50 42.33
N GLY B 253 -25.75 -30.95 41.56
CA GLY B 253 -25.98 -31.42 40.21
C GLY B 253 -25.72 -30.41 39.11
N TYR B 254 -25.44 -29.15 39.47
CA TYR B 254 -25.22 -28.09 38.49
C TYR B 254 -23.76 -27.68 38.39
N ALA B 255 -22.85 -28.47 38.95
CA ALA B 255 -21.41 -28.30 38.76
C ALA B 255 -20.94 -26.88 39.10
N PHE B 256 -21.49 -26.29 40.16
CA PHE B 256 -21.04 -24.95 40.56
C PHE B 256 -19.58 -24.95 40.99
N GLU B 257 -19.14 -26.04 41.64
CA GLU B 257 -17.73 -26.18 41.96
C GLU B 257 -16.86 -26.00 40.73
N HIS B 258 -17.34 -26.43 39.56
CA HIS B 258 -16.61 -26.32 38.31
C HIS B 258 -16.90 -25.02 37.57
N ILE B 259 -18.17 -24.75 37.25
CA ILE B 259 -18.51 -23.64 36.35
C ILE B 259 -18.19 -22.29 36.99
N VAL B 260 -18.59 -22.10 38.25
CA VAL B 260 -18.51 -20.80 38.89
C VAL B 260 -17.27 -20.68 39.78
N TYR B 261 -17.06 -21.65 40.67
CA TYR B 261 -15.93 -21.58 41.58
C TYR B 261 -14.60 -21.86 40.87
N GLY B 262 -14.62 -22.70 39.84
CA GLY B 262 -13.42 -23.04 39.12
C GLY B 262 -12.61 -24.16 39.76
N ASP B 263 -12.01 -25.01 38.92
CA ASP B 263 -11.19 -26.13 39.36
C ASP B 263 -9.73 -25.82 39.04
N PHE B 264 -8.93 -25.59 40.09
CA PHE B 264 -7.52 -25.27 39.94
C PHE B 264 -6.62 -26.46 40.26
N SER B 265 -7.17 -27.67 40.25
CA SER B 265 -6.40 -28.84 40.64
C SER B 265 -5.55 -29.40 39.51
N HIS B 266 -5.94 -29.14 38.26
CA HIS B 266 -5.25 -29.66 37.08
C HIS B 266 -4.46 -28.56 36.39
N SER B 267 -3.58 -28.98 35.48
CA SER B 267 -2.79 -28.02 34.71
C SER B 267 -3.69 -27.16 33.84
N GLN B 268 -4.72 -27.74 33.25
CA GLN B 268 -5.76 -27.01 32.55
C GLN B 268 -6.82 -26.57 33.56
N LEU B 269 -7.04 -25.26 33.64
CA LEU B 269 -8.04 -24.71 34.55
C LEU B 269 -9.43 -25.02 34.04
N GLY B 270 -10.30 -25.47 34.95
CA GLY B 270 -11.64 -25.91 34.60
C GLY B 270 -12.70 -24.89 35.03
N GLY B 271 -13.63 -24.62 34.12
CA GLY B 271 -14.74 -23.74 34.45
C GLY B 271 -14.32 -22.30 34.60
N LEU B 272 -14.81 -21.65 35.65
CA LEU B 272 -14.56 -20.23 35.93
C LEU B 272 -15.09 -19.35 34.80
N HIS B 273 -16.40 -19.48 34.55
CA HIS B 273 -17.08 -18.75 33.49
C HIS B 273 -17.94 -17.60 34.00
N LEU B 274 -18.03 -17.43 35.32
CA LEU B 274 -18.80 -16.34 35.92
C LEU B 274 -17.85 -15.37 36.57
N LEU B 275 -18.04 -14.07 36.31
CA LEU B 275 -17.11 -13.07 36.82
C LEU B 275 -17.04 -13.10 38.34
N ILE B 276 -18.18 -13.35 39.00
CA ILE B 276 -18.16 -13.37 40.47
C ILE B 276 -17.29 -14.50 40.98
N GLY B 277 -17.16 -15.58 40.21
CA GLY B 277 -16.20 -16.61 40.56
C GLY B 277 -14.78 -16.08 40.52
N LEU B 278 -14.45 -15.29 39.50
CA LEU B 278 -13.13 -14.65 39.44
C LEU B 278 -12.97 -13.61 40.54
N ALA B 279 -14.05 -12.91 40.88
CA ALA B 279 -13.97 -11.91 41.94
C ALA B 279 -13.70 -12.56 43.29
N LYS B 280 -14.33 -13.70 43.57
CA LYS B 280 -14.08 -14.40 44.82
C LYS B 280 -12.66 -14.95 44.88
N ARG B 281 -12.22 -15.59 43.80
CA ARG B 281 -10.85 -16.09 43.72
C ARG B 281 -9.84 -14.96 43.81
N PHE B 282 -10.18 -13.78 43.28
CA PHE B 282 -9.21 -12.68 43.23
C PHE B 282 -8.86 -12.16 44.62
N LYS B 283 -9.81 -12.18 45.55
CA LYS B 283 -9.52 -11.76 46.91
C LYS B 283 -8.63 -12.76 47.63
N GLU B 284 -8.74 -14.04 47.29
CA GLU B 284 -7.89 -15.04 47.91
C GLU B 284 -6.49 -15.03 47.32
N SER B 285 -6.39 -14.87 46.00
CA SER B 285 -5.11 -15.04 45.30
C SER B 285 -5.15 -14.30 43.98
N PRO B 286 -4.05 -13.67 43.56
CA PRO B 286 -4.05 -12.95 42.29
C PRO B 286 -3.95 -13.90 41.10
N PHE B 287 -4.33 -13.38 39.94
CA PHE B 287 -4.17 -14.13 38.70
C PHE B 287 -4.10 -13.15 37.53
N GLU B 288 -3.67 -13.68 36.38
CA GLU B 288 -3.42 -12.89 35.18
C GLU B 288 -4.54 -13.12 34.17
N LEU B 289 -5.13 -12.03 33.69
CA LEU B 289 -6.19 -12.08 32.68
C LEU B 289 -5.70 -11.39 31.41
N GLU B 290 -5.27 -12.16 30.43
CA GLU B 290 -4.85 -11.60 29.15
C GLU B 290 -6.07 -11.42 28.26
N ASP B 291 -6.34 -10.17 27.86
CA ASP B 291 -7.49 -9.85 27.03
C ASP B 291 -7.00 -9.71 25.59
N PHE B 292 -6.79 -10.85 24.94
CA PHE B 292 -6.20 -10.84 23.61
C PHE B 292 -7.14 -10.32 22.53
N ILE B 293 -8.42 -10.16 22.82
CA ILE B 293 -9.32 -9.44 21.92
C ILE B 293 -9.89 -8.25 22.67
N PRO B 294 -9.13 -7.17 22.83
CA PRO B 294 -9.56 -6.07 23.70
C PRO B 294 -10.69 -5.24 23.11
N MET B 295 -11.92 -5.73 23.27
CA MET B 295 -13.09 -5.01 22.81
C MET B 295 -14.26 -5.32 23.73
N ASP B 296 -15.28 -4.48 23.66
CA ASP B 296 -16.45 -4.64 24.52
C ASP B 296 -17.38 -5.68 23.90
N SER B 297 -17.71 -6.72 24.67
CA SER B 297 -18.63 -7.75 24.21
C SER B 297 -19.29 -8.43 25.41
N THR B 298 -20.44 -9.04 25.16
CA THR B 298 -21.20 -9.68 26.23
C THR B 298 -20.46 -10.87 26.81
N VAL B 299 -19.70 -11.58 25.98
CA VAL B 299 -18.85 -12.69 26.40
C VAL B 299 -17.41 -12.30 26.13
N LYS B 300 -16.56 -12.43 27.14
CA LYS B 300 -15.15 -12.11 27.02
C LYS B 300 -14.33 -13.39 27.13
N ASN B 301 -13.36 -13.54 26.24
CA ASN B 301 -12.41 -14.65 26.29
C ASN B 301 -11.10 -14.13 26.87
N TYR B 302 -10.51 -14.91 27.77
CA TYR B 302 -9.26 -14.53 28.41
C TYR B 302 -8.31 -15.72 28.44
N PHE B 303 -7.02 -15.43 28.28
CA PHE B 303 -5.96 -16.35 28.64
C PHE B 303 -5.67 -16.15 30.12
N ILE B 304 -6.07 -17.09 30.95
CA ILE B 304 -5.99 -16.92 32.40
C ILE B 304 -4.84 -17.76 32.94
N THR B 305 -4.07 -17.16 33.86
CA THR B 305 -2.98 -17.86 34.53
C THR B 305 -3.10 -17.58 36.02
N ASP B 306 -3.41 -18.61 36.81
CA ASP B 306 -3.58 -18.44 38.25
C ASP B 306 -2.25 -18.56 38.96
N ALA B 307 -1.91 -17.55 39.77
CA ALA B 307 -0.58 -17.45 40.34
C ALA B 307 -0.34 -18.50 41.42
N GLN B 308 -1.35 -18.80 42.23
CA GLN B 308 -1.15 -19.71 43.35
C GLN B 308 -0.80 -21.12 42.87
N THR B 309 -1.64 -21.68 41.99
CA THR B 309 -1.52 -23.07 41.59
C THR B 309 -0.78 -23.29 40.28
N GLY B 310 -0.71 -22.28 39.41
CA GLY B 310 -0.18 -22.48 38.08
C GLY B 310 -1.16 -23.07 37.10
N SER B 311 -2.42 -23.24 37.50
CA SER B 311 -3.46 -23.68 36.58
C SER B 311 -3.75 -22.57 35.57
N SER B 312 -3.85 -22.94 34.29
CA SER B 312 -4.04 -21.94 33.24
C SER B 312 -4.91 -22.52 32.13
N LYS B 313 -5.50 -21.63 31.32
CA LYS B 313 -6.30 -22.03 30.18
C LYS B 313 -6.19 -20.99 29.08
N CYS B 314 -6.02 -21.44 27.84
CA CYS B 314 -5.79 -20.52 26.73
C CYS B 314 -7.02 -19.67 26.45
N VAL B 315 -8.19 -20.28 26.34
CA VAL B 315 -9.43 -19.56 26.07
C VAL B 315 -10.40 -19.89 27.20
N CYS B 316 -10.67 -18.91 28.04
CA CYS B 316 -11.58 -19.05 29.17
C CYS B 316 -12.66 -17.98 29.03
N SER B 317 -13.85 -18.40 28.62
CA SER B 317 -14.94 -17.45 28.37
C SER B 317 -15.61 -17.06 29.67
N VAL B 318 -15.84 -15.76 29.84
CA VAL B 318 -16.34 -15.21 31.10
C VAL B 318 -17.47 -14.24 30.77
N ILE B 319 -18.59 -14.40 31.47
CA ILE B 319 -19.71 -13.48 31.37
C ILE B 319 -20.09 -13.04 32.77
N ASP B 320 -20.37 -11.75 32.94
CA ASP B 320 -20.74 -11.20 34.23
C ASP B 320 -22.25 -11.10 34.28
N LEU B 321 -22.89 -12.17 34.71
CA LEU B 321 -24.32 -12.19 34.98
C LEU B 321 -24.54 -12.06 36.48
N LEU B 322 -25.66 -11.43 36.85
CA LEU B 322 -26.12 -11.52 38.21
C LEU B 322 -26.26 -12.99 38.58
N LEU B 323 -25.67 -13.38 39.72
CA LEU B 323 -25.61 -14.80 40.05
C LEU B 323 -26.99 -15.43 40.08
N ASP B 324 -28.01 -14.69 40.53
CA ASP B 324 -29.37 -15.22 40.51
C ASP B 324 -29.82 -15.50 39.08
N ASP B 325 -29.41 -14.65 38.13
CA ASP B 325 -29.77 -14.86 36.74
C ASP B 325 -29.14 -16.15 36.21
N PHE B 326 -27.84 -16.36 36.48
CA PHE B 326 -27.21 -17.59 36.06
C PHE B 326 -27.86 -18.81 36.70
N VAL B 327 -28.22 -18.71 37.98
CA VAL B 327 -28.89 -19.83 38.66
C VAL B 327 -30.21 -20.14 37.97
N GLU B 328 -30.99 -19.11 37.64
CA GLU B 328 -32.26 -19.31 36.96
C GLU B 328 -32.06 -19.95 35.60
N ILE B 329 -31.02 -19.52 34.86
CA ILE B 329 -30.80 -20.03 33.52
C ILE B 329 -30.49 -21.52 33.55
N ILE B 330 -29.54 -21.91 34.41
CA ILE B 330 -29.09 -23.31 34.39
C ILE B 330 -30.09 -24.23 35.07
N LYS B 331 -30.95 -23.72 35.95
CA LYS B 331 -31.96 -24.57 36.56
C LYS B 331 -33.13 -24.86 35.64
N SER B 332 -33.30 -24.06 34.59
CA SER B 332 -34.38 -24.28 33.65
C SER B 332 -34.01 -25.27 32.54
N GLN B 333 -32.77 -25.75 32.53
CA GLN B 333 -32.30 -26.60 31.45
C GLN B 333 -32.72 -28.05 31.67
N ASP B 334 -32.51 -28.87 30.65
CA ASP B 334 -32.80 -30.30 30.69
C ASP B 334 -31.50 -31.08 30.78
N LEU B 335 -31.40 -31.92 31.82
CA LEU B 335 -30.18 -32.67 32.12
C LEU B 335 -30.07 -33.97 31.36
N SER B 336 -31.10 -34.36 30.60
CA SER B 336 -31.13 -35.70 30.01
C SER B 336 -30.16 -35.84 28.85
N VAL B 337 -29.98 -34.80 28.06
CA VAL B 337 -29.11 -34.86 26.89
C VAL B 337 -27.66 -34.72 27.32
N VAL B 338 -26.78 -35.53 26.73
CA VAL B 338 -25.37 -35.54 27.12
C VAL B 338 -24.69 -34.24 26.70
N SER B 339 -24.96 -33.77 25.49
CA SER B 339 -24.41 -32.51 25.00
C SER B 339 -25.50 -31.75 24.28
N LYS B 340 -25.46 -30.43 24.41
CA LYS B 340 -26.58 -29.60 23.97
C LYS B 340 -26.12 -28.15 23.89
N VAL B 341 -26.64 -27.44 22.89
CA VAL B 341 -26.39 -26.01 22.72
C VAL B 341 -27.68 -25.28 23.05
N VAL B 342 -27.62 -24.35 24.01
CA VAL B 342 -28.79 -23.63 24.49
C VAL B 342 -28.59 -22.14 24.19
N LYS B 343 -29.62 -21.52 23.62
CA LYS B 343 -29.60 -20.10 23.33
C LYS B 343 -30.29 -19.33 24.44
N VAL B 344 -29.70 -18.20 24.82
CA VAL B 344 -30.21 -17.35 25.88
C VAL B 344 -30.06 -15.90 25.41
N THR B 345 -31.13 -15.12 25.54
CA THR B 345 -31.12 -13.73 25.12
C THR B 345 -30.50 -12.89 26.24
N ILE B 346 -29.26 -12.45 26.04
CA ILE B 346 -28.56 -11.57 26.96
C ILE B 346 -28.08 -10.36 26.19
N ASP B 347 -28.32 -9.16 26.73
CA ASP B 347 -27.94 -7.91 26.08
C ASP B 347 -28.52 -7.81 24.66
N TYR B 348 -29.77 -8.23 24.50
CA TYR B 348 -30.51 -8.16 23.23
C TYR B 348 -29.89 -9.03 22.13
N THR B 349 -29.12 -10.05 22.47
CA THR B 349 -28.55 -10.94 21.46
C THR B 349 -28.65 -12.38 21.93
N GLU B 350 -28.56 -13.30 20.98
CA GLU B 350 -28.69 -14.73 21.27
C GLU B 350 -27.30 -15.29 21.58
N ILE B 351 -27.04 -15.53 22.85
CA ILE B 351 -25.79 -16.13 23.30
C ILE B 351 -25.96 -17.64 23.34
N SER B 352 -24.99 -18.36 22.76
CA SER B 352 -25.02 -19.81 22.77
C SER B 352 -24.28 -20.34 23.99
N PHE B 353 -24.83 -21.39 24.59
CA PHE B 353 -24.22 -22.08 25.72
C PHE B 353 -24.08 -23.55 25.38
N MET B 354 -22.96 -24.15 25.77
CA MET B 354 -22.80 -25.60 25.69
C MET B 354 -23.17 -26.23 27.01
N LEU B 355 -24.05 -27.22 26.97
CA LEU B 355 -24.55 -27.89 28.17
C LEU B 355 -24.14 -29.36 28.13
N TRP B 356 -22.96 -29.65 28.67
CA TRP B 356 -22.51 -31.02 28.84
C TRP B 356 -23.15 -31.62 30.09
N CYS B 357 -23.76 -32.79 29.95
CA CYS B 357 -24.39 -33.48 31.06
C CYS B 357 -23.99 -34.95 31.03
N LYS B 358 -23.90 -35.56 32.21
CA LYS B 358 -23.58 -36.97 32.33
C LYS B 358 -24.30 -37.53 33.55
N ASP B 359 -24.96 -38.67 33.38
CA ASP B 359 -25.65 -39.37 34.47
C ASP B 359 -26.72 -38.50 35.13
N GLY B 360 -27.30 -37.57 34.36
CA GLY B 360 -28.36 -36.74 34.88
C GLY B 360 -27.91 -35.49 35.61
N HIS B 361 -26.61 -35.20 35.64
CA HIS B 361 -26.10 -34.00 36.29
C HIS B 361 -25.31 -33.18 35.27
N VAL B 362 -25.31 -31.86 35.48
CA VAL B 362 -24.58 -30.96 34.58
C VAL B 362 -23.09 -31.21 34.73
N GLU B 363 -22.41 -31.50 33.62
CA GLU B 363 -20.96 -31.59 33.62
C GLU B 363 -20.33 -30.21 33.56
N THR B 364 -20.74 -29.39 32.60
CA THR B 364 -20.28 -28.00 32.51
C THR B 364 -21.28 -27.19 31.69
N PHE B 365 -21.11 -25.87 31.73
CA PHE B 365 -22.06 -24.95 31.09
C PHE B 365 -21.31 -23.65 30.82
N TYR B 366 -20.75 -23.53 29.61
CA TYR B 366 -19.89 -22.39 29.32
C TYR B 366 -20.41 -21.59 28.13
N PRO B 367 -20.40 -20.26 28.22
CA PRO B 367 -20.83 -19.43 27.09
C PRO B 367 -19.77 -19.39 26.00
N LYS B 368 -20.23 -19.08 24.78
CA LYS B 368 -19.36 -19.03 23.62
C LYS B 368 -19.27 -17.61 23.09
N LEU B 369 -18.07 -17.21 22.68
CA LEU B 369 -17.86 -15.91 22.03
C LEU B 369 -17.72 -16.09 20.51
N ASN C 23 36.75 4.10 20.58
CA ASN C 23 36.62 5.52 20.30
C ASN C 23 35.58 5.78 19.20
N MET C 24 34.62 4.86 19.06
CA MET C 24 33.60 4.99 18.03
C MET C 24 32.44 5.83 18.54
N SER C 25 32.08 6.85 17.78
CA SER C 25 31.09 7.82 18.19
C SER C 25 30.20 8.17 17.01
N LEU C 26 28.90 8.33 17.27
CA LEU C 26 27.97 8.73 16.22
C LEU C 26 28.29 10.13 15.73
N GLU C 27 28.50 11.06 16.65
CA GLU C 27 28.87 12.42 16.26
C GLU C 27 30.22 12.45 15.55
N ASN C 28 31.09 11.49 15.84
CA ASN C 28 32.38 11.44 15.14
C ASN C 28 32.24 10.92 13.72
N VAL C 29 31.35 9.95 13.51
CA VAL C 29 31.10 9.47 12.16
C VAL C 29 30.52 10.59 11.30
N ALA C 30 29.62 11.38 11.87
CA ALA C 30 29.07 12.51 11.12
C ALA C 30 30.11 13.57 10.83
N PHE C 31 31.07 13.77 11.75
CA PHE C 31 32.15 14.72 11.48
C PHE C 31 32.96 14.30 10.26
N ASN C 32 33.25 13.00 10.13
CA ASN C 32 34.01 12.53 8.97
C ASN C 32 33.21 12.70 7.68
N VAL C 33 31.89 12.46 7.72
CA VAL C 33 31.07 12.61 6.52
C VAL C 33 31.07 14.05 6.04
N VAL C 34 30.97 15.00 6.97
CA VAL C 34 30.90 16.42 6.61
C VAL C 34 32.23 16.91 6.03
N ASN C 35 33.34 16.51 6.63
CA ASN C 35 34.65 17.04 6.26
C ASN C 35 35.42 16.19 5.26
N LYS C 36 35.26 14.87 5.30
CA LYS C 36 36.03 13.99 4.43
C LYS C 36 35.17 13.25 3.41
N GLY C 37 33.86 13.53 3.35
CA GLY C 37 32.97 12.84 2.45
C GLY C 37 32.66 11.41 2.80
N HIS C 38 33.40 10.82 3.74
CA HIS C 38 33.21 9.45 4.20
C HIS C 38 33.96 9.33 5.52
N PHE C 39 33.97 8.14 6.10
CA PHE C 39 34.73 7.91 7.32
C PHE C 39 36.21 7.74 6.97
N ASP C 40 37.04 8.64 7.50
CA ASP C 40 38.47 8.63 7.21
C ASP C 40 39.31 8.61 8.49
N GLY C 41 38.72 8.18 9.60
CA GLY C 41 39.44 8.09 10.86
C GLY C 41 39.81 9.41 11.49
N GLN C 42 39.22 10.52 11.06
CA GLN C 42 39.55 11.81 11.63
C GLN C 42 38.87 11.98 12.98
N GLN C 43 39.41 12.89 13.78
CA GLN C 43 38.86 13.20 15.10
C GLN C 43 37.97 14.44 15.02
N GLY C 44 36.94 14.44 15.84
CA GLY C 44 36.00 15.56 15.90
C GLY C 44 34.56 15.11 15.95
N GLU C 45 33.66 16.05 16.21
CA GLU C 45 32.23 15.77 16.31
C GLU C 45 31.45 16.95 15.74
N VAL C 46 30.19 16.68 15.39
CA VAL C 46 29.23 17.72 15.01
C VAL C 46 27.87 17.39 15.61
N PRO C 47 27.04 18.41 15.84
CA PRO C 47 25.69 18.15 16.35
C PRO C 47 24.87 17.35 15.34
N VAL C 48 24.12 16.37 15.85
CA VAL C 48 23.36 15.46 14.99
C VAL C 48 21.94 15.33 15.51
N SER C 49 20.98 15.41 14.60
CA SER C 49 19.59 15.06 14.85
C SER C 49 19.25 13.78 14.11
N ILE C 50 18.38 12.98 14.71
CA ILE C 50 17.87 11.76 14.09
C ILE C 50 16.36 11.81 14.16
N ILE C 51 15.71 11.88 13.01
N ILE C 51 15.70 11.82 13.00
CA ILE C 51 14.25 11.88 12.91
CA ILE C 51 14.24 11.81 12.93
C ILE C 51 13.86 10.92 11.80
C ILE C 51 13.82 11.14 11.63
N ASN C 52 12.83 10.13 12.03
N ASN C 52 12.81 10.29 11.73
CA ASN C 52 12.36 9.11 11.08
CA ASN C 52 12.18 9.66 10.55
C ASN C 52 13.53 8.17 10.83
C ASN C 52 13.20 8.91 9.70
N ASN C 53 13.86 7.86 9.58
N ASN C 53 13.99 8.05 10.36
CA ASN C 53 15.05 7.10 9.23
CA ASN C 53 14.97 7.21 9.67
C ASN C 53 16.07 8.01 8.56
C ASN C 53 15.93 8.05 8.82
N THR C 54 16.27 9.21 9.12
N THR C 54 16.27 9.24 9.30
CA THR C 54 17.11 10.22 8.49
CA THR C 54 17.09 10.17 8.56
C THR C 54 18.05 10.82 9.52
C THR C 54 18.04 10.88 9.52
N VAL C 55 19.28 11.07 9.09
CA VAL C 55 20.30 11.74 9.90
C VAL C 55 20.46 13.17 9.38
N TYR C 56 20.42 14.13 10.30
CA TYR C 56 20.64 15.53 9.98
C TYR C 56 21.82 16.06 10.79
N THR C 57 22.35 17.19 10.34
CA THR C 57 23.37 17.90 11.09
C THR C 57 23.09 19.39 10.99
N LYS C 58 23.49 20.13 12.02
CA LYS C 58 23.24 21.57 12.07
C LYS C 58 24.39 22.27 11.35
N VAL C 59 24.06 23.03 10.31
CA VAL C 59 25.05 23.78 9.54
C VAL C 59 24.62 25.25 9.56
N ASP C 60 25.33 26.07 10.33
CA ASP C 60 25.08 27.51 10.42
C ASP C 60 23.63 27.80 10.76
N GLY C 61 23.13 27.13 11.79
CA GLY C 61 21.83 27.41 12.38
C GLY C 61 20.69 26.52 11.93
N VAL C 62 20.84 25.84 10.79
CA VAL C 62 19.74 25.05 10.22
C VAL C 62 20.19 23.61 10.03
N ASP C 63 19.20 22.72 9.93
CA ASP C 63 19.44 21.30 9.77
C ASP C 63 19.65 20.94 8.30
N VAL C 64 20.64 20.10 8.05
CA VAL C 64 21.00 19.63 6.73
C VAL C 64 21.01 18.11 6.74
N GLU C 65 20.35 17.50 5.76
CA GLU C 65 20.23 16.05 5.71
C GLU C 65 21.54 15.42 5.24
N LEU C 66 22.03 14.43 5.98
CA LEU C 66 23.26 13.73 5.63
C LEU C 66 23.05 12.31 5.14
N PHE C 67 21.94 11.68 5.48
CA PHE C 67 21.76 10.28 5.15
C PHE C 67 20.30 9.89 5.37
N GLU C 68 19.75 9.12 4.44
CA GLU C 68 18.40 8.60 4.55
C GLU C 68 18.48 7.09 4.56
N ASN C 69 18.02 6.47 5.64
CA ASN C 69 18.17 5.04 5.80
C ASN C 69 17.12 4.31 4.99
N LYS C 70 17.59 3.47 4.05
CA LYS C 70 16.75 2.60 3.25
C LYS C 70 16.89 1.14 3.64
N THR C 71 17.74 0.82 4.62
CA THR C 71 17.99 -0.54 5.07
C THR C 71 16.95 -0.97 6.09
N THR C 72 16.99 -2.26 6.44
CA THR C 72 16.20 -2.81 7.53
C THR C 72 16.92 -2.71 8.88
N LEU C 73 18.08 -2.03 8.92
CA LEU C 73 18.90 -1.81 10.10
C LEU C 73 18.54 -0.49 10.78
N PRO C 74 18.83 -0.36 12.08
CA PRO C 74 18.66 0.94 12.76
C PRO C 74 19.34 2.06 11.99
N VAL C 75 18.73 3.25 12.06
CA VAL C 75 19.19 4.36 11.22
C VAL C 75 20.61 4.76 11.58
N ASN C 76 20.93 4.86 12.88
CA ASN C 76 22.28 5.20 13.29
C ASN C 76 23.28 4.12 12.90
N VAL C 77 22.85 2.85 12.87
CA VAL C 77 23.75 1.78 12.49
C VAL C 77 24.02 1.80 11.00
N ALA C 78 22.95 1.84 10.19
CA ALA C 78 23.12 1.92 8.75
C ALA C 78 23.94 3.14 8.34
N PHE C 79 23.74 4.26 9.02
CA PHE C 79 24.52 5.46 8.74
C PHE C 79 26.02 5.20 8.93
N GLU C 80 26.38 4.49 9.99
CA GLU C 80 27.79 4.20 10.25
C GLU C 80 28.37 3.23 9.23
N LEU C 81 27.58 2.28 8.73
CA LEU C 81 28.08 1.36 7.71
C LEU C 81 28.26 2.07 6.38
N TRP C 82 27.35 2.99 6.05
CA TRP C 82 27.50 3.75 4.81
C TRP C 82 28.74 4.62 4.85
N ALA C 83 29.02 5.26 5.98
CA ALA C 83 30.18 6.13 6.07
C ALA C 83 31.49 5.36 5.97
N LYS C 84 31.49 4.09 6.41
CA LYS C 84 32.67 3.24 6.36
C LYS C 84 32.69 2.35 5.13
N ARG C 85 31.95 2.71 4.09
CA ARG C 85 31.95 1.92 2.86
C ARG C 85 33.32 1.98 2.19
N ASN C 86 33.60 0.97 1.38
CA ASN C 86 34.84 0.93 0.62
C ASN C 86 34.76 1.91 -0.53
N ILE C 87 35.69 2.87 -0.57
CA ILE C 87 35.72 3.86 -1.64
C ILE C 87 36.73 3.50 -2.73
N LYS C 88 37.23 2.29 -2.73
CA LYS C 88 38.06 1.77 -3.81
C LYS C 88 37.21 0.95 -4.76
N PRO C 89 37.70 0.72 -5.99
CA PRO C 89 36.99 -0.19 -6.90
C PRO C 89 36.88 -1.58 -6.28
N VAL C 90 35.65 -2.06 -6.15
CA VAL C 90 35.39 -3.36 -5.53
C VAL C 90 34.64 -4.22 -6.54
N PRO C 91 34.67 -5.53 -6.37
CA PRO C 91 33.84 -6.39 -7.22
C PRO C 91 32.37 -6.02 -7.10
N GLU C 92 31.65 -6.10 -8.23
CA GLU C 92 30.22 -5.89 -8.18
C GLU C 92 29.58 -6.94 -7.27
N VAL C 93 28.45 -6.57 -6.66
CA VAL C 93 27.81 -7.44 -5.68
C VAL C 93 27.41 -8.77 -6.32
N LYS C 94 27.00 -8.77 -7.60
CA LYS C 94 26.64 -10.02 -8.25
C LYS C 94 27.83 -10.98 -8.33
N ILE C 95 29.04 -10.44 -8.49
CA ILE C 95 30.23 -11.30 -8.51
C ILE C 95 30.46 -11.91 -7.13
N LEU C 96 30.48 -11.07 -6.09
CA LEU C 96 30.69 -11.56 -4.73
C LEU C 96 29.61 -12.56 -4.31
N ASN C 97 28.37 -12.36 -4.75
CA ASN C 97 27.30 -13.30 -4.41
C ASN C 97 27.50 -14.64 -5.09
N ASN C 98 27.84 -14.63 -6.39
CA ASN C 98 28.03 -15.89 -7.10
C ASN C 98 29.20 -16.68 -6.53
N LEU C 99 30.22 -15.99 -6.01
CA LEU C 99 31.37 -16.64 -5.42
C LEU C 99 31.16 -17.01 -3.96
N GLY C 100 29.93 -16.88 -3.46
CA GLY C 100 29.60 -17.37 -2.13
C GLY C 100 30.08 -16.53 -0.97
N VAL C 101 30.41 -15.26 -1.22
CA VAL C 101 30.92 -14.40 -0.15
C VAL C 101 29.81 -14.12 0.84
N ASP C 102 30.10 -14.35 2.12
CA ASP C 102 29.15 -14.10 3.19
C ASP C 102 29.45 -12.83 3.97
N ILE C 103 30.69 -12.33 3.92
CA ILE C 103 31.11 -11.22 4.77
C ILE C 103 32.45 -10.69 4.28
N ALA C 104 32.72 -9.41 4.51
CA ALA C 104 34.00 -8.82 4.14
C ALA C 104 34.89 -8.66 5.37
N ALA C 105 36.19 -8.56 5.13
CA ALA C 105 37.18 -8.44 6.19
C ALA C 105 37.56 -6.97 6.34
N ASN C 106 37.18 -6.38 7.47
CA ASN C 106 37.64 -5.04 7.87
C ASN C 106 37.25 -3.98 6.84
N THR C 107 36.09 -4.17 6.21
CA THR C 107 35.57 -3.16 5.29
C THR C 107 34.08 -3.42 5.13
N VAL C 108 33.39 -2.48 4.46
CA VAL C 108 31.99 -2.60 4.12
C VAL C 108 31.87 -2.52 2.60
N ILE C 109 31.28 -3.55 1.99
CA ILE C 109 30.91 -3.51 0.58
C ILE C 109 29.48 -2.96 0.51
N TRP C 110 29.34 -1.74 0.02
CA TRP C 110 28.02 -1.13 -0.07
C TRP C 110 27.31 -1.58 -1.35
N ASP C 111 26.08 -2.09 -1.20
CA ASP C 111 25.26 -2.54 -2.33
C ASP C 111 24.43 -1.36 -2.83
N TYR C 112 24.94 -0.65 -3.84
CA TYR C 112 24.23 0.51 -4.37
C TYR C 112 22.99 0.13 -5.17
N LYS C 113 22.85 -1.12 -5.57
CA LYS C 113 21.59 -1.55 -6.19
C LYS C 113 20.49 -1.65 -5.15
N ARG C 114 20.84 -2.01 -3.91
CA ARG C 114 19.88 -2.10 -2.81
C ARG C 114 19.94 -0.91 -1.86
N ASP C 115 20.98 -0.07 -1.96
CA ASP C 115 21.25 1.03 -1.03
C ASP C 115 21.30 0.53 0.42
N ALA C 116 22.12 -0.50 0.62
CA ALA C 116 22.20 -1.20 1.89
C ALA C 116 23.51 -1.96 1.93
N PRO C 117 23.97 -2.37 3.11
CA PRO C 117 25.17 -3.21 3.16
C PRO C 117 24.95 -4.51 2.40
N ALA C 118 26.02 -4.99 1.76
CA ALA C 118 25.87 -6.20 0.95
C ALA C 118 25.76 -7.44 1.82
N HIS C 119 26.28 -7.40 3.05
CA HIS C 119 26.31 -8.57 3.92
C HIS C 119 25.66 -8.25 5.25
N ILE C 120 25.26 -9.31 5.97
CA ILE C 120 24.50 -9.15 7.20
C ILE C 120 25.39 -8.62 8.32
N SER C 121 26.57 -9.20 8.50
CA SER C 121 27.45 -8.89 9.61
C SER C 121 28.71 -8.20 9.11
N THR C 122 29.59 -7.83 10.04
CA THR C 122 30.84 -7.17 9.70
C THR C 122 31.97 -7.74 10.55
N ILE C 123 33.20 -7.41 10.17
CA ILE C 123 34.41 -7.83 10.88
C ILE C 123 35.26 -6.60 11.13
N GLY C 124 35.41 -6.23 12.39
CA GLY C 124 36.26 -5.10 12.75
C GLY C 124 35.88 -3.79 12.11
N VAL C 125 34.58 -3.51 11.99
CA VAL C 125 34.08 -2.30 11.35
C VAL C 125 33.21 -1.49 12.30
N CYS C 126 32.18 -2.13 12.87
CA CYS C 126 31.16 -1.44 13.65
C CYS C 126 30.78 -2.29 14.84
N SER C 127 30.88 -1.72 16.05
CA SER C 127 30.63 -2.49 17.26
C SER C 127 29.22 -3.06 17.33
N MET C 128 28.27 -2.47 16.60
CA MET C 128 26.88 -2.92 16.62
C MET C 128 26.61 -4.07 15.65
N THR C 129 27.39 -4.22 14.58
CA THR C 129 27.20 -5.32 13.65
C THR C 129 28.35 -6.32 13.63
N ASP C 130 29.46 -6.05 14.33
CA ASP C 130 30.61 -6.93 14.30
C ASP C 130 30.29 -8.27 14.96
N ILE C 131 30.63 -9.36 14.29
CA ILE C 131 30.67 -10.67 14.92
C ILE C 131 32.09 -11.05 15.35
N ALA C 132 33.09 -10.31 14.90
CA ALA C 132 34.48 -10.52 15.30
C ALA C 132 35.25 -9.25 14.96
N LYS C 133 36.40 -9.08 15.62
CA LYS C 133 37.25 -7.94 15.34
C LYS C 133 38.38 -8.28 14.37
N LYS C 134 38.70 -9.56 14.22
CA LYS C 134 39.68 -10.07 13.28
C LYS C 134 39.07 -11.26 12.54
N PRO C 135 39.40 -11.44 11.26
CA PRO C 135 38.80 -12.53 10.48
C PRO C 135 39.25 -13.92 10.92
N THR C 136 40.20 -14.02 11.83
CA THR C 136 40.76 -15.30 12.27
C THR C 136 39.96 -15.96 13.37
N GLU C 137 38.92 -15.31 13.88
CA GLU C 137 38.20 -15.83 15.04
C GLU C 137 37.32 -17.02 14.63
N THR C 138 36.89 -17.77 15.65
CA THR C 138 36.28 -19.07 15.42
C THR C 138 34.98 -18.96 14.62
N ILE C 139 34.16 -17.96 14.92
CA ILE C 139 32.86 -17.84 14.27
C ILE C 139 32.98 -17.62 12.76
N CYS C 140 34.14 -17.17 12.28
CA CYS C 140 34.32 -16.88 10.86
C CYS C 140 34.79 -18.08 10.04
N ALA C 141 35.33 -19.12 10.69
CA ALA C 141 35.85 -20.28 9.98
C ALA C 141 34.85 -20.90 9.01
N PRO C 142 33.58 -21.14 9.38
CA PRO C 142 32.63 -21.69 8.40
C PRO C 142 32.12 -20.69 7.39
N LEU C 143 32.56 -19.44 7.44
CA LEU C 143 32.07 -18.39 6.57
C LEU C 143 33.11 -17.99 5.55
N THR C 144 32.64 -17.61 4.36
CA THR C 144 33.52 -17.21 3.27
C THR C 144 33.79 -15.70 3.38
N VAL C 145 35.01 -15.35 3.77
CA VAL C 145 35.40 -13.97 4.04
C VAL C 145 36.04 -13.37 2.79
N PHE C 146 35.59 -12.19 2.40
CA PHE C 146 36.17 -11.49 1.26
C PHE C 146 37.43 -10.74 1.70
N PHE C 147 38.55 -11.00 1.01
CA PHE C 147 39.83 -10.40 1.34
C PHE C 147 40.30 -9.53 0.18
N ASP C 148 40.77 -8.32 0.51
CA ASP C 148 41.26 -7.36 -0.47
C ASP C 148 42.79 -7.34 -0.41
N GLY C 149 43.42 -7.92 -1.43
CA GLY C 149 44.87 -8.00 -1.47
C GLY C 149 45.57 -6.65 -1.54
N ARG C 150 44.83 -5.58 -1.82
CA ARG C 150 45.41 -4.24 -1.88
C ARG C 150 45.70 -3.68 -0.50
N VAL C 151 44.97 -4.13 0.53
CA VAL C 151 45.20 -3.70 1.90
C VAL C 151 46.23 -4.61 2.54
N ASP C 152 47.26 -4.01 3.13
CA ASP C 152 48.39 -4.78 3.66
C ASP C 152 47.92 -5.77 4.72
N GLY C 153 48.45 -6.99 4.66
CA GLY C 153 48.12 -8.04 5.58
C GLY C 153 46.97 -8.93 5.15
N GLN C 154 46.10 -8.45 4.27
CA GLN C 154 44.95 -9.25 3.88
C GLN C 154 45.35 -10.48 3.05
N VAL C 155 46.48 -10.41 2.34
CA VAL C 155 46.91 -11.57 1.55
C VAL C 155 47.22 -12.74 2.47
N ASP C 156 47.97 -12.50 3.55
CA ASP C 156 48.30 -13.57 4.48
C ASP C 156 47.09 -14.02 5.31
N LEU C 157 46.17 -13.10 5.62
CA LEU C 157 44.94 -13.49 6.27
C LEU C 157 44.17 -14.51 5.44
N PHE C 158 44.21 -14.37 4.11
CA PHE C 158 43.58 -15.35 3.23
C PHE C 158 44.24 -16.72 3.34
N ARG C 159 45.55 -16.77 3.63
CA ARG C 159 46.20 -18.05 3.79
C ARG C 159 45.73 -18.77 5.05
N ASN C 160 45.53 -18.02 6.14
CA ASN C 160 45.17 -18.61 7.42
C ASN C 160 43.68 -18.88 7.55
N ALA C 161 42.85 -18.42 6.61
CA ALA C 161 41.41 -18.61 6.68
C ALA C 161 40.99 -19.90 6.01
N ARG C 162 40.05 -20.61 6.62
CA ARG C 162 39.50 -21.82 6.01
C ARG C 162 38.79 -21.48 4.71
N ASN C 163 37.78 -20.63 4.77
CA ASN C 163 37.00 -20.23 3.61
C ASN C 163 37.18 -18.74 3.35
N GLY C 164 37.34 -18.39 2.09
CA GLY C 164 37.55 -17.00 1.74
C GLY C 164 37.66 -16.81 0.25
N VAL C 165 37.60 -15.54 -0.15
CA VAL C 165 37.77 -15.11 -1.53
C VAL C 165 38.71 -13.91 -1.53
N LEU C 166 39.79 -14.01 -2.28
CA LEU C 166 40.83 -12.98 -2.33
C LEU C 166 40.86 -12.36 -3.71
N ILE C 167 41.02 -11.05 -3.76
CA ILE C 167 41.29 -10.34 -5.01
C ILE C 167 42.61 -9.62 -4.89
N THR C 168 43.38 -9.63 -5.97
CA THR C 168 44.63 -8.89 -6.06
C THR C 168 44.74 -8.30 -7.45
N GLU C 169 45.51 -7.23 -7.57
CA GLU C 169 45.90 -6.70 -8.87
C GLU C 169 47.32 -7.14 -9.27
N GLY C 170 47.81 -8.23 -8.68
CA GLY C 170 49.10 -8.78 -9.02
C GLY C 170 49.17 -10.27 -8.76
N SER C 171 50.36 -10.86 -8.90
CA SER C 171 50.54 -12.29 -8.68
C SER C 171 50.80 -12.59 -7.22
N VAL C 172 50.26 -13.70 -6.74
CA VAL C 172 50.59 -14.24 -5.42
C VAL C 172 51.32 -15.57 -5.64
N LYS C 173 52.39 -15.77 -4.89
CA LYS C 173 53.30 -16.88 -5.14
C LYS C 173 52.62 -18.20 -4.80
N GLY C 174 52.52 -19.09 -5.78
CA GLY C 174 52.03 -20.43 -5.56
C GLY C 174 50.55 -20.64 -5.75
N LEU C 175 49.81 -19.64 -6.23
CA LEU C 175 48.38 -19.77 -6.44
C LEU C 175 48.05 -19.43 -7.89
N GLN C 176 47.32 -20.31 -8.56
CA GLN C 176 46.92 -20.07 -9.93
C GLN C 176 45.88 -18.96 -9.97
N PRO C 177 46.09 -17.90 -10.73
CA PRO C 177 45.11 -16.81 -10.78
C PRO C 177 43.95 -17.11 -11.72
N SER C 178 42.82 -16.50 -11.42
CA SER C 178 41.66 -16.47 -12.30
C SER C 178 41.36 -15.02 -12.63
N VAL C 179 41.49 -14.65 -13.90
CA VAL C 179 41.27 -13.27 -14.31
C VAL C 179 39.79 -12.94 -14.12
N GLY C 180 39.52 -11.80 -13.50
CA GLY C 180 38.17 -11.40 -13.21
C GLY C 180 37.61 -10.49 -14.30
N PRO C 181 36.39 -10.00 -14.10
CA PRO C 181 35.81 -9.08 -15.06
C PRO C 181 36.63 -7.80 -15.17
N LYS C 182 36.56 -7.17 -16.34
CA LYS C 182 37.29 -5.93 -16.55
C LYS C 182 36.74 -4.80 -15.67
N GLN C 183 35.45 -4.86 -15.34
CA GLN C 183 34.79 -3.78 -14.62
C GLN C 183 34.70 -4.09 -13.13
N ALA C 184 34.77 -3.04 -12.33
CA ALA C 184 34.48 -3.09 -10.89
C ALA C 184 33.52 -1.96 -10.55
N SER C 185 33.15 -1.87 -9.28
CA SER C 185 32.29 -0.81 -8.80
C SER C 185 33.11 0.17 -7.97
N LEU C 186 33.01 1.46 -8.30
CA LEU C 186 33.68 2.52 -7.55
C LEU C 186 32.62 3.55 -7.12
N ASN C 187 32.22 3.47 -5.86
CA ASN C 187 31.20 4.36 -5.29
C ASN C 187 29.91 4.26 -6.09
N GLY C 188 29.50 3.03 -6.40
CA GLY C 188 28.30 2.79 -7.15
C GLY C 188 28.43 2.93 -8.65
N VAL C 189 29.56 3.39 -9.15
CA VAL C 189 29.79 3.52 -10.59
C VAL C 189 30.52 2.26 -11.07
N THR C 190 29.88 1.52 -11.96
CA THR C 190 30.50 0.35 -12.59
C THR C 190 31.31 0.82 -13.78
N LEU C 191 32.63 0.61 -13.74
CA LEU C 191 33.48 1.17 -14.77
C LEU C 191 34.69 0.27 -15.01
N ILE C 192 35.28 0.43 -16.19
CA ILE C 192 36.56 -0.20 -16.52
C ILE C 192 37.64 0.84 -16.30
N GLY C 193 38.53 0.57 -15.34
CA GLY C 193 39.45 1.60 -14.88
C GLY C 193 40.58 1.87 -15.86
N GLU C 194 40.99 3.14 -15.91
CA GLU C 194 42.13 3.58 -16.70
C GLU C 194 43.20 4.26 -15.85
N ALA C 195 42.80 5.10 -14.89
CA ALA C 195 43.71 5.67 -13.90
C ALA C 195 43.84 4.81 -12.65
N VAL C 196 43.01 3.78 -12.54
CA VAL C 196 43.04 2.79 -11.47
C VAL C 196 42.65 1.47 -12.12
N LYS C 197 43.02 0.36 -11.50
CA LYS C 197 42.74 -0.93 -12.10
C LYS C 197 41.50 -1.55 -11.47
N THR C 198 40.59 -2.03 -12.32
CA THR C 198 39.38 -2.67 -11.88
C THR C 198 39.34 -4.16 -12.19
N GLN C 199 40.33 -4.68 -12.90
CA GLN C 199 40.40 -6.10 -13.21
C GLN C 199 41.32 -6.78 -12.22
N PHE C 200 40.77 -7.75 -11.48
CA PHE C 200 41.44 -8.37 -10.36
C PHE C 200 41.73 -9.84 -10.66
N ASN C 201 42.76 -10.37 -10.00
CA ASN C 201 42.95 -11.81 -9.92
C ASN C 201 42.11 -12.34 -8.77
N TYR C 202 41.34 -13.40 -9.03
CA TYR C 202 40.49 -13.98 -8.02
C TYR C 202 41.08 -15.29 -7.51
N TYR C 203 40.92 -15.53 -6.21
CA TYR C 203 41.33 -16.76 -5.57
C TYR C 203 40.28 -17.14 -4.55
N LYS C 204 40.14 -18.44 -4.29
CA LYS C 204 39.11 -18.95 -3.41
C LYS C 204 39.64 -20.14 -2.62
N LYS C 205 39.16 -20.27 -1.38
CA LYS C 205 39.50 -21.38 -0.50
C LYS C 205 38.24 -21.94 0.12
N VAL C 206 38.21 -23.26 0.28
CA VAL C 206 37.11 -23.96 0.95
C VAL C 206 37.71 -24.98 1.90
N ASP C 207 37.45 -24.81 3.20
CA ASP C 207 37.96 -25.70 4.25
C ASP C 207 39.48 -25.84 4.23
N GLY C 208 40.17 -24.81 3.73
CA GLY C 208 41.62 -24.78 3.77
C GLY C 208 42.32 -25.02 2.45
N VAL C 209 41.64 -25.59 1.47
CA VAL C 209 42.26 -25.91 0.18
C VAL C 209 41.94 -24.82 -0.82
N VAL C 210 42.94 -24.43 -1.60
CA VAL C 210 42.77 -23.42 -2.63
C VAL C 210 42.09 -24.07 -3.82
N GLN C 211 40.84 -23.68 -4.09
CA GLN C 211 40.08 -24.25 -5.17
C GLN C 211 40.40 -23.55 -6.49
N GLN C 212 40.41 -24.33 -7.57
CA GLN C 212 40.63 -23.77 -8.90
C GLN C 212 39.32 -23.20 -9.41
N LEU C 213 39.33 -21.91 -9.74
CA LEU C 213 38.08 -21.29 -10.18
C LEU C 213 37.77 -21.70 -11.62
N PRO C 214 36.49 -21.86 -11.97
CA PRO C 214 36.15 -22.30 -13.33
C PRO C 214 36.34 -21.19 -14.34
N GLU C 215 36.63 -21.60 -15.58
CA GLU C 215 36.61 -20.65 -16.67
C GLU C 215 35.19 -20.17 -16.90
N THR C 216 35.05 -18.86 -17.11
CA THR C 216 33.71 -18.28 -17.08
C THR C 216 33.64 -17.13 -18.06
N TYR C 217 32.43 -16.90 -18.56
CA TYR C 217 32.12 -15.63 -19.18
C TYR C 217 31.76 -14.62 -18.09
N PHE C 218 31.75 -13.35 -18.48
CA PHE C 218 31.36 -12.28 -17.57
C PHE C 218 30.31 -11.41 -18.24
N THR C 219 29.31 -10.99 -17.47
CA THR C 219 28.36 -10.03 -17.98
C THR C 219 29.02 -8.66 -18.12
N GLN C 220 28.43 -7.81 -18.95
CA GLN C 220 29.03 -6.52 -19.26
C GLN C 220 28.55 -5.40 -18.36
N SER C 221 27.44 -5.59 -17.65
CA SER C 221 26.96 -4.65 -16.62
C SER C 221 26.69 -3.26 -17.20
N ARG C 222 26.09 -3.22 -18.39
CA ARG C 222 25.70 -1.97 -19.02
C ARG C 222 24.23 -1.68 -18.75
N ASN C 223 23.79 -0.47 -19.11
CA ASN C 223 22.38 -0.09 -18.99
C ASN C 223 21.88 0.43 -20.33
N LEU C 224 20.57 0.65 -20.42
CA LEU C 224 19.95 1.01 -21.68
C LEU C 224 20.36 2.42 -22.14
N GLN C 225 20.38 3.37 -21.21
CA GLN C 225 20.60 4.76 -21.58
C GLN C 225 22.02 5.01 -22.06
N GLU C 226 23.00 4.36 -21.43
CA GLU C 226 24.40 4.58 -21.75
C GLU C 226 25.03 3.37 -22.45
N PHE C 227 24.23 2.62 -23.20
CA PHE C 227 24.75 1.41 -23.83
C PHE C 227 25.72 1.79 -24.95
N LYS C 228 26.89 1.15 -24.94
CA LYS C 228 27.86 1.32 -26.00
C LYS C 228 28.41 -0.04 -26.41
N PRO C 229 28.54 -0.30 -27.71
CA PRO C 229 29.00 -1.61 -28.15
C PRO C 229 30.47 -1.82 -27.82
N ARG C 230 30.84 -3.08 -27.62
CA ARG C 230 32.18 -3.43 -27.20
C ARG C 230 32.87 -4.42 -28.13
N SER C 231 32.22 -4.84 -29.20
CA SER C 231 32.85 -5.70 -30.19
C SER C 231 32.28 -5.35 -31.55
N GLN C 232 33.07 -5.63 -32.59
CA GLN C 232 32.67 -5.27 -33.95
C GLN C 232 31.32 -5.88 -34.31
N MET C 233 31.05 -7.10 -33.83
CA MET C 233 29.74 -7.71 -34.07
C MET C 233 28.63 -6.91 -33.39
N GLU C 234 28.90 -6.38 -32.21
CA GLU C 234 27.88 -5.58 -31.51
C GLU C 234 27.63 -4.25 -32.21
N ILE C 235 28.66 -3.67 -32.84
CA ILE C 235 28.45 -2.47 -33.64
C ILE C 235 27.54 -2.79 -34.82
N ASP C 236 27.79 -3.91 -35.50
CA ASP C 236 26.96 -4.31 -36.62
C ASP C 236 25.53 -4.64 -36.19
N PHE C 237 25.31 -5.01 -34.93
CA PHE C 237 23.94 -5.26 -34.47
C PHE C 237 23.13 -3.97 -34.41
N LEU C 238 23.76 -2.84 -34.09
CA LEU C 238 23.03 -1.60 -33.88
C LEU C 238 22.71 -0.90 -35.19
N GLU C 239 23.68 -0.76 -36.08
CA GLU C 239 23.46 -0.04 -37.33
C GLU C 239 22.69 -0.90 -38.33
N LEU C 240 23.16 -2.12 -38.58
CA LEU C 240 22.60 -2.92 -39.66
C LEU C 240 21.18 -3.37 -39.35
N ALA C 241 20.42 -3.57 -40.41
CA ALA C 241 19.05 -4.04 -40.26
C ALA C 241 19.04 -5.47 -39.72
N MET C 242 17.86 -5.88 -39.24
CA MET C 242 17.70 -7.19 -38.63
C MET C 242 18.07 -8.30 -39.60
N ASP C 243 17.59 -8.22 -40.84
CA ASP C 243 17.83 -9.31 -41.80
C ASP C 243 19.27 -9.36 -42.28
N GLU C 244 19.90 -8.19 -42.44
CA GLU C 244 21.28 -8.19 -42.90
C GLU C 244 22.21 -8.78 -41.86
N PHE C 245 21.99 -8.46 -40.59
CA PHE C 245 22.89 -8.93 -39.53
C PHE C 245 22.86 -10.45 -39.41
N ILE C 246 21.68 -11.05 -39.52
CA ILE C 246 21.56 -12.50 -39.35
C ILE C 246 22.25 -13.24 -40.49
N GLU C 247 22.09 -12.73 -41.72
CA GLU C 247 22.77 -13.37 -42.85
C GLU C 247 24.27 -13.15 -42.79
N ARG C 248 24.71 -12.02 -42.23
CA ARG C 248 26.13 -11.73 -42.21
C ARG C 248 26.90 -12.67 -41.27
N TYR C 249 26.29 -13.05 -40.16
CA TYR C 249 26.95 -13.87 -39.15
C TYR C 249 26.41 -15.29 -39.08
N LYS C 250 25.64 -15.72 -40.08
CA LYS C 250 25.16 -17.10 -40.18
C LYS C 250 24.38 -17.52 -38.94
N LEU C 251 23.40 -16.71 -38.56
CA LEU C 251 22.54 -16.98 -37.42
C LEU C 251 21.18 -17.54 -37.84
N GLU C 252 21.07 -18.04 -39.07
CA GLU C 252 19.80 -18.57 -39.55
C GLU C 252 19.42 -19.83 -38.78
N GLY C 253 18.16 -19.90 -38.36
CA GLY C 253 17.67 -21.02 -37.58
C GLY C 253 17.96 -20.94 -36.11
N TYR C 254 18.64 -19.88 -35.65
CA TYR C 254 18.96 -19.70 -34.24
C TYR C 254 18.00 -18.74 -33.54
N ALA C 255 16.91 -18.36 -34.20
CA ALA C 255 15.85 -17.56 -33.60
C ALA C 255 16.37 -16.23 -33.05
N PHE C 256 17.35 -15.62 -33.72
CA PHE C 256 17.76 -14.28 -33.32
C PHE C 256 16.63 -13.28 -33.54
N GLU C 257 15.76 -13.54 -34.52
CA GLU C 257 14.58 -12.70 -34.70
C GLU C 257 13.75 -12.62 -33.43
N HIS C 258 13.69 -13.72 -32.68
CA HIS C 258 12.88 -13.82 -31.47
C HIS C 258 13.68 -13.51 -30.21
N ILE C 259 14.84 -14.15 -30.04
CA ILE C 259 15.54 -14.12 -28.75
C ILE C 259 16.17 -12.76 -28.50
N VAL C 260 16.74 -12.15 -29.53
CA VAL C 260 17.51 -10.92 -29.35
C VAL C 260 16.74 -9.69 -29.81
N TYR C 261 15.97 -9.79 -30.89
CA TYR C 261 15.27 -8.63 -31.43
C TYR C 261 13.91 -8.40 -30.78
N GLY C 262 13.18 -9.47 -30.47
CA GLY C 262 11.88 -9.34 -29.82
C GLY C 262 10.71 -9.37 -30.79
N ASP C 263 9.61 -10.01 -30.38
CA ASP C 263 8.41 -10.11 -31.19
C ASP C 263 7.29 -9.34 -30.50
N PHE C 264 6.93 -8.20 -31.06
CA PHE C 264 5.92 -7.30 -30.50
C PHE C 264 4.59 -7.36 -31.23
N SER C 265 4.42 -8.31 -32.14
CA SER C 265 3.15 -8.41 -32.86
C SER C 265 2.05 -8.99 -31.98
N HIS C 266 2.42 -9.80 -31.00
CA HIS C 266 1.46 -10.48 -30.15
C HIS C 266 1.25 -9.72 -28.84
N SER C 267 0.14 -10.06 -28.17
CA SER C 267 -0.18 -9.45 -26.88
C SER C 267 0.88 -9.78 -25.83
N GLN C 268 1.42 -10.99 -25.87
CA GLN C 268 2.50 -11.41 -24.99
C GLN C 268 3.82 -11.19 -25.74
N LEU C 269 4.67 -10.34 -25.19
CA LEU C 269 5.97 -10.05 -25.79
C LEU C 269 6.81 -11.32 -25.87
N GLY C 270 7.56 -11.44 -26.97
CA GLY C 270 8.37 -12.63 -27.17
C GLY C 270 9.85 -12.37 -27.16
N GLY C 271 10.62 -13.25 -26.50
CA GLY C 271 12.08 -13.15 -26.52
C GLY C 271 12.59 -11.94 -25.79
N LEU C 272 13.54 -11.25 -26.41
CA LEU C 272 14.17 -10.04 -25.88
C LEU C 272 14.87 -10.33 -24.55
N HIS C 273 15.82 -11.26 -24.60
CA HIS C 273 16.55 -11.70 -23.42
C HIS C 273 17.99 -11.20 -23.38
N LEU C 274 18.44 -10.49 -24.42
CA LEU C 274 19.77 -9.89 -24.46
C LEU C 274 19.64 -8.39 -24.28
N LEU C 275 20.41 -7.83 -23.34
CA LEU C 275 20.32 -6.39 -23.09
C LEU C 275 20.57 -5.59 -24.35
N ILE C 276 21.47 -6.05 -25.22
CA ILE C 276 21.75 -5.30 -26.44
C ILE C 276 20.50 -5.22 -27.32
N GLY C 277 19.62 -6.21 -27.22
CA GLY C 277 18.35 -6.14 -27.94
C GLY C 277 17.42 -5.08 -27.38
N LEU C 278 17.40 -4.94 -26.05
CA LEU C 278 16.59 -3.88 -25.46
C LEU C 278 17.17 -2.51 -25.78
N ALA C 279 18.50 -2.38 -25.79
CA ALA C 279 19.13 -1.11 -26.12
C ALA C 279 18.78 -0.66 -27.53
N LYS C 280 18.73 -1.60 -28.49
CA LYS C 280 18.37 -1.23 -29.86
C LYS C 280 16.92 -0.79 -29.95
N ARG C 281 16.02 -1.47 -29.23
CA ARG C 281 14.62 -1.06 -29.22
C ARG C 281 14.45 0.28 -28.51
N PHE C 282 15.11 0.47 -27.36
CA PHE C 282 15.02 1.72 -26.62
C PHE C 282 15.57 2.90 -27.42
N LYS C 283 16.46 2.63 -28.38
CA LYS C 283 17.03 3.70 -29.20
C LYS C 283 15.97 4.36 -30.07
N GLU C 284 14.92 3.63 -30.43
CA GLU C 284 13.90 4.12 -31.35
C GLU C 284 12.51 4.28 -30.74
N SER C 285 12.23 3.62 -29.61
CA SER C 285 10.89 3.62 -29.04
C SER C 285 10.96 3.26 -27.56
N PRO C 286 10.37 4.09 -26.68
CA PRO C 286 10.49 3.82 -25.24
C PRO C 286 9.64 2.64 -24.81
N PHE C 287 10.05 2.03 -23.69
CA PHE C 287 9.27 0.98 -23.05
C PHE C 287 9.52 1.00 -21.55
N GLU C 288 8.73 0.20 -20.84
CA GLU C 288 8.68 0.21 -19.39
C GLU C 288 9.38 -1.01 -18.83
N LEU C 289 10.23 -0.81 -17.83
CA LEU C 289 10.98 -1.88 -17.17
C LEU C 289 10.73 -1.78 -15.67
N GLU C 290 9.87 -2.65 -15.16
CA GLU C 290 9.64 -2.74 -13.72
C GLU C 290 10.59 -3.79 -13.15
N ASP C 291 11.49 -3.36 -12.27
CA ASP C 291 12.44 -4.26 -11.60
C ASP C 291 11.81 -4.65 -10.26
N PHE C 292 10.94 -5.65 -10.30
CA PHE C 292 10.20 -6.02 -9.09
C PHE C 292 11.06 -6.71 -8.04
N ILE C 293 12.26 -7.16 -8.41
CA ILE C 293 13.24 -7.66 -7.43
C ILE C 293 14.51 -6.84 -7.56
N PRO C 294 14.56 -5.62 -7.01
CA PRO C 294 15.73 -4.75 -7.21
C PRO C 294 16.97 -5.18 -6.44
N MET C 295 17.84 -5.94 -7.09
CA MET C 295 19.12 -6.35 -6.52
C MET C 295 20.07 -6.70 -7.66
N ASP C 296 21.36 -6.79 -7.34
CA ASP C 296 22.36 -7.10 -8.36
C ASP C 296 22.41 -8.60 -8.60
N SER C 297 22.31 -9.01 -9.86
CA SER C 297 22.43 -10.42 -10.21
C SER C 297 22.81 -10.55 -11.67
N THR C 298 23.36 -11.71 -12.02
CA THR C 298 23.77 -11.97 -13.39
C THR C 298 22.56 -12.00 -14.33
N VAL C 299 21.43 -12.52 -13.86
CA VAL C 299 20.18 -12.55 -14.61
C VAL C 299 19.17 -11.68 -13.88
N LYS C 300 18.53 -10.78 -14.62
CA LYS C 300 17.51 -9.89 -14.07
C LYS C 300 16.15 -10.24 -14.66
N ASN C 301 15.10 -10.11 -13.84
CA ASN C 301 13.73 -10.31 -14.27
C ASN C 301 12.99 -8.98 -14.26
N TYR C 302 12.38 -8.63 -15.39
CA TYR C 302 11.70 -7.36 -15.54
C TYR C 302 10.27 -7.59 -16.02
N PHE C 303 9.37 -6.71 -15.57
CA PHE C 303 8.01 -6.62 -16.08
C PHE C 303 8.02 -5.56 -17.17
N ILE C 304 8.09 -5.99 -18.43
CA ILE C 304 8.35 -5.10 -19.55
C ILE C 304 7.05 -4.76 -20.26
N THR C 305 6.88 -3.49 -20.61
CA THR C 305 5.69 -3.01 -21.32
C THR C 305 6.13 -2.06 -22.42
N ASP C 306 5.86 -2.41 -23.67
CA ASP C 306 6.27 -1.59 -24.81
C ASP C 306 5.24 -0.50 -25.07
N ALA C 307 5.71 0.75 -25.11
CA ALA C 307 4.79 1.88 -25.24
C ALA C 307 4.19 1.96 -26.64
N GLN C 308 4.92 1.53 -27.66
CA GLN C 308 4.43 1.68 -29.03
C GLN C 308 3.33 0.67 -29.34
N THR C 309 3.56 -0.60 -29.03
CA THR C 309 2.69 -1.68 -29.45
C THR C 309 1.73 -2.16 -28.37
N GLY C 310 2.08 -1.98 -27.10
CA GLY C 310 1.31 -2.55 -26.01
C GLY C 310 1.62 -4.00 -25.69
N SER C 311 2.60 -4.59 -26.36
CA SER C 311 3.04 -5.94 -26.03
C SER C 311 3.76 -5.92 -24.68
N SER C 312 3.46 -6.89 -23.83
CA SER C 312 4.01 -6.90 -22.48
C SER C 312 4.29 -8.32 -22.02
N LYS C 313 5.21 -8.44 -21.07
CA LYS C 313 5.56 -9.73 -20.47
C LYS C 313 5.77 -9.53 -18.97
N CYS C 314 5.14 -10.39 -18.16
CA CYS C 314 5.24 -10.28 -16.71
C CYS C 314 6.65 -10.56 -16.21
N VAL C 315 7.28 -11.61 -16.74
CA VAL C 315 8.64 -11.98 -16.36
C VAL C 315 9.46 -12.12 -17.64
N CYS C 316 10.41 -11.22 -17.83
CA CYS C 316 11.29 -11.25 -19.00
C CYS C 316 12.73 -11.30 -18.48
N SER C 317 13.36 -12.46 -18.59
CA SER C 317 14.72 -12.61 -18.12
C SER C 317 15.70 -11.99 -19.11
N VAL C 318 16.62 -11.18 -18.60
CA VAL C 318 17.53 -10.39 -19.43
C VAL C 318 18.93 -10.52 -18.87
N ILE C 319 19.90 -10.77 -19.75
CA ILE C 319 21.30 -10.85 -19.37
C ILE C 319 22.11 -10.03 -20.36
N ASP C 320 23.11 -9.29 -19.85
CA ASP C 320 23.98 -8.48 -20.69
C ASP C 320 25.29 -9.22 -20.91
N LEU C 321 25.23 -10.21 -21.79
CA LEU C 321 26.43 -10.85 -22.31
C LEU C 321 26.88 -10.13 -23.56
N LEU C 322 28.21 -10.08 -23.76
CA LEU C 322 28.74 -9.64 -25.03
C LEU C 322 28.17 -10.53 -26.13
N LEU C 323 27.63 -9.90 -27.17
CA LEU C 323 26.92 -10.66 -28.20
C LEU C 323 27.79 -11.75 -28.81
N ASP C 324 29.10 -11.53 -28.88
CA ASP C 324 30.00 -12.57 -29.35
C ASP C 324 29.95 -13.79 -28.42
N ASP C 325 29.95 -13.57 -27.10
CA ASP C 325 29.87 -14.69 -26.18
C ASP C 325 28.54 -15.41 -26.30
N PHE C 326 27.46 -14.68 -26.60
CA PHE C 326 26.15 -15.29 -26.70
C PHE C 326 26.04 -16.21 -27.92
N VAL C 327 26.63 -15.80 -29.05
CA VAL C 327 26.49 -16.60 -30.26
C VAL C 327 27.29 -17.89 -30.15
N GLU C 328 28.46 -17.85 -29.53
CA GLU C 328 29.25 -19.07 -29.36
C GLU C 328 28.64 -20.00 -28.34
N ILE C 329 27.84 -19.47 -27.41
CA ILE C 329 27.10 -20.33 -26.49
C ILE C 329 25.94 -21.00 -27.22
N ILE C 330 25.22 -20.25 -28.04
CA ILE C 330 24.01 -20.80 -28.66
C ILE C 330 24.36 -21.70 -29.85
N LYS C 331 25.46 -21.42 -30.55
CA LYS C 331 25.82 -22.26 -31.69
C LYS C 331 26.35 -23.62 -31.24
N SER C 332 26.91 -23.69 -30.03
CA SER C 332 27.54 -24.93 -29.58
C SER C 332 26.51 -25.96 -29.13
N GLN C 333 25.38 -25.53 -28.60
CA GLN C 333 24.38 -26.48 -28.12
C GLN C 333 23.79 -27.28 -29.28
N ASP C 334 23.43 -28.52 -28.99
CA ASP C 334 22.80 -29.36 -30.00
C ASP C 334 21.33 -29.03 -30.13
N LEU C 335 20.80 -29.22 -31.33
CA LEU C 335 19.45 -28.79 -31.67
C LEU C 335 18.48 -29.96 -31.80
N SER C 336 18.84 -31.13 -31.27
CA SER C 336 18.02 -32.31 -31.48
C SER C 336 16.85 -32.38 -30.51
N VAL C 337 17.12 -32.22 -29.20
CA VAL C 337 16.11 -32.41 -28.17
C VAL C 337 15.14 -31.24 -28.18
N VAL C 338 13.86 -31.53 -27.94
CA VAL C 338 12.82 -30.51 -28.00
C VAL C 338 12.98 -29.52 -26.84
N SER C 339 13.35 -30.01 -25.66
CA SER C 339 13.55 -29.15 -24.50
C SER C 339 14.77 -29.64 -23.74
N LYS C 340 15.74 -28.75 -23.53
CA LYS C 340 16.96 -29.08 -22.82
C LYS C 340 17.36 -27.90 -21.94
N VAL C 341 17.79 -28.20 -20.72
CA VAL C 341 18.20 -27.18 -19.77
C VAL C 341 19.73 -27.12 -19.80
N VAL C 342 20.25 -26.15 -20.55
CA VAL C 342 21.70 -25.98 -20.70
C VAL C 342 22.23 -25.18 -19.52
N LYS C 343 23.43 -25.53 -19.06
CA LYS C 343 24.10 -24.80 -18.00
C LYS C 343 25.38 -24.18 -18.55
N VAL C 344 25.55 -22.88 -18.31
CA VAL C 344 26.72 -22.14 -18.76
C VAL C 344 27.28 -21.36 -17.57
N THR C 345 28.61 -21.27 -17.51
CA THR C 345 29.30 -20.60 -16.40
C THR C 345 29.47 -19.13 -16.74
N ILE C 346 28.67 -18.27 -16.11
CA ILE C 346 28.75 -16.82 -16.25
C ILE C 346 28.91 -16.21 -14.86
N ASP C 347 29.88 -15.30 -14.72
CA ASP C 347 30.15 -14.63 -13.45
C ASP C 347 30.38 -15.65 -12.32
N TYR C 348 31.09 -16.73 -12.64
CA TYR C 348 31.50 -17.78 -11.70
C TYR C 348 30.34 -18.59 -11.13
N THR C 349 29.20 -18.64 -11.82
CA THR C 349 28.07 -19.41 -11.32
C THR C 349 27.41 -20.17 -12.47
N GLU C 350 26.59 -21.16 -12.11
CA GLU C 350 25.94 -22.05 -13.08
C GLU C 350 24.61 -21.43 -13.50
N ILE C 351 24.66 -20.54 -14.49
CA ILE C 351 23.42 -19.98 -15.03
C ILE C 351 22.74 -21.04 -15.88
N SER C 352 21.47 -21.32 -15.59
CA SER C 352 20.71 -22.33 -16.31
C SER C 352 19.92 -21.67 -17.43
N PHE C 353 20.03 -22.23 -18.64
CA PHE C 353 19.31 -21.74 -19.80
C PHE C 353 18.29 -22.77 -20.26
N MET C 354 17.11 -22.29 -20.65
CA MET C 354 16.07 -23.13 -21.21
C MET C 354 16.15 -23.07 -22.73
N LEU C 355 16.28 -24.24 -23.36
CA LEU C 355 16.48 -24.33 -24.80
C LEU C 355 15.35 -25.14 -25.42
N TRP C 356 14.58 -24.50 -26.29
CA TRP C 356 13.51 -25.16 -27.04
C TRP C 356 13.92 -25.29 -28.49
N CYS C 357 13.71 -26.47 -29.07
CA CYS C 357 14.13 -26.74 -30.44
C CYS C 357 12.99 -27.36 -31.21
N LYS C 358 13.07 -27.25 -32.54
CA LYS C 358 12.13 -27.89 -33.44
C LYS C 358 12.72 -27.92 -34.83
N ASP C 359 12.70 -29.11 -35.46
CA ASP C 359 13.13 -29.28 -36.85
C ASP C 359 14.56 -28.79 -37.06
N GLY C 360 15.41 -28.96 -36.06
CA GLY C 360 16.80 -28.53 -36.18
C GLY C 360 17.00 -27.04 -36.18
N HIS C 361 16.06 -26.27 -35.62
CA HIS C 361 16.24 -24.84 -35.43
C HIS C 361 15.74 -24.44 -34.05
N VAL C 362 16.17 -23.27 -33.60
CA VAL C 362 15.87 -22.82 -32.25
C VAL C 362 14.49 -22.19 -32.22
N GLU C 363 13.68 -22.57 -31.23
CA GLU C 363 12.43 -21.86 -30.98
C GLU C 363 12.67 -20.66 -30.07
N THR C 364 13.24 -20.90 -28.89
CA THR C 364 13.62 -19.82 -28.00
C THR C 364 14.74 -20.31 -27.10
N PHE C 365 15.39 -19.36 -26.43
CA PHE C 365 16.56 -19.65 -25.61
C PHE C 365 16.68 -18.50 -24.61
N TYR C 366 16.40 -18.78 -23.34
CA TYR C 366 16.34 -17.73 -22.33
C TYR C 366 16.96 -18.22 -21.03
N PRO C 367 17.62 -17.32 -20.28
CA PRO C 367 18.15 -17.70 -18.98
C PRO C 367 17.07 -17.64 -17.91
N LYS C 368 17.41 -18.16 -16.73
CA LYS C 368 16.48 -18.20 -15.61
C LYS C 368 17.15 -17.67 -14.35
N LEU C 369 16.33 -17.14 -13.45
CA LEU C 369 16.81 -16.57 -12.19
C LEU C 369 16.45 -17.45 -11.00
O2 VQV D . -9.40 38.38 -20.36
N1 VQV D . -9.15 38.20 -18.13
C4 VQV D . -10.25 40.70 -17.90
C2 VQV D . -9.53 38.89 -19.23
C6 VQV D . -9.29 38.74 -16.92
C5 VQV D . -9.84 40.00 -16.77
C1' VQV D . -8.56 36.85 -18.27
C2' VQV D . -7.09 36.89 -18.66
C3' VQV D . -6.44 35.80 -17.83
C4' VQV D . -7.33 35.76 -16.60
C5' VQV D . -7.37 34.40 -15.93
N3 VQV D . -10.08 40.13 -19.12
O1P VQV D . -7.84 36.90 -13.65
O2' VQV D . -6.50 38.14 -18.26
O2A VQV D . -5.43 33.24 -20.40
O2B VQV D . -4.94 32.63 -18.07
O2C VQV D . -4.01 34.72 -19.00
O2P VQV D . -5.84 35.46 -13.68
O3' VQV D . -6.51 34.57 -18.55
O3P VQV D . -7.73 34.91 -12.17
O4 VQV D . -10.78 41.94 -17.79
O4' VQV D . -8.65 36.13 -17.03
O5' VQV D . -8.00 34.56 -14.66
P VQV D . -7.35 35.49 -13.51
P2 VQV D . -5.19 33.77 -19.01
C1 EDO E . -6.64 29.45 -15.08
O1 EDO E . -5.50 29.01 -15.82
C2 EDO E . -6.96 30.88 -15.49
O2 EDO E . -5.74 31.63 -15.52
O2 VQV F . -17.69 -31.32 29.96
N1 VQV F . -16.13 -31.22 28.35
C4 VQV F . -16.17 -33.95 28.28
C2 VQV F . -16.94 -31.92 29.16
C6 VQV F . -15.32 -31.85 27.49
C5 VQV F . -15.32 -33.24 27.43
C1' VQV F . -16.14 -29.74 28.43
C2' VQV F . -15.23 -29.23 29.56
C3' VQV F . -14.37 -28.15 28.92
C4' VQV F . -14.46 -28.44 27.43
C5' VQV F . -14.40 -27.18 26.58
N3 VQV F . -16.96 -33.27 29.13
O1P VQV F . -13.16 -28.59 24.28
O2' VQV F . -14.36 -30.26 30.02
O2A VQV F . -14.06 -24.76 30.34
O2B VQV F . -15.91 -26.02 31.39
O2C VQV F . -13.60 -26.92 31.44
O2P VQV F . -11.14 -27.18 24.53
O3' VQV F . -14.91 -26.87 29.23
O3P VQV F . -11.56 -29.00 26.13
O4 VQV F . -16.20 -35.31 28.26
O4' VQV F . -15.68 -29.14 27.20
O5' VQV F . -13.05 -26.92 26.20
P VQV F . -12.22 -27.95 25.27
P2 VQV F . -14.62 -26.14 30.64
C1 EDO G . -13.98 -23.17 26.84
O1 EDO G . -13.32 -23.61 28.04
C2 EDO G . -13.95 -21.64 26.78
O2 EDO G . -14.52 -21.11 27.97
O2 VQV H . 9.01 -22.16 -26.99
N1 VQV H . 8.06 -22.04 -24.96
C4 VQV H . 6.78 -24.38 -25.52
C2 VQV H . 8.25 -22.66 -26.14
C6 VQV H . 7.24 -22.57 -24.05
C5 VQV H . 6.57 -23.76 -24.30
C1' VQV H . 8.75 -20.79 -24.67
C2' VQV H . 8.15 -19.60 -25.43
C3' VQV H . 8.21 -18.48 -24.43
C4' VQV H . 7.93 -19.23 -23.14
C5' VQV H . 8.32 -18.52 -21.86
N3 VQV H . 7.61 -23.82 -26.43
O1P VQV H . 5.48 -20.37 -21.48
O2' VQV H . 6.76 -19.86 -25.69
O2A VQV H . 11.21 -16.15 -25.04
O2B VQV H . 9.80 -15.88 -23.02
O2C VQV H . 8.80 -15.69 -25.28
O2P VQV H . 5.44 -17.90 -21.48
O3' VQV H . 9.54 -17.97 -24.44
O3P VQV H . 5.49 -19.14 -19.34
O4 VQV H . 6.14 -25.55 -25.81
O4' VQV H . 8.63 -20.48 -23.28
O5' VQV H . 7.58 -19.09 -20.77
P VQV H . 5.96 -19.13 -20.78
P2 VQV H . 9.84 -16.39 -24.44
C1 EDO I . 12.06 -15.68 -19.72
O1 EDO I . 11.78 -14.28 -19.75
C2 EDO I . 10.76 -16.45 -19.54
O2 EDO I . 9.82 -16.02 -20.53
#